data_4R70
#
_entry.id   4R70
#
_cell.length_a   143.307
_cell.length_b   143.307
_cell.length_c   120.512
_cell.angle_alpha   90.00
_cell.angle_beta   90.00
_cell.angle_gamma   120.00
#
_symmetry.space_group_name_H-M   'P 31 2 1'
#
loop_
_entity.id
_entity.type
_entity.pdbx_description
1 polymer 'Bacteriophytochrome (Light-regulated signal transduction histidine kinase), PhyB2'
2 non-polymer 'BILIVERDINE IX ALPHA'
3 water water
#
_entity_poly.entity_id   1
_entity_poly.type   'polypeptide(L)'
_entity_poly.pdbx_seq_one_letter_code
;MSSRSDPGQPMASATDPSGRLALDLTECDREPIHIPGAIQPHGYLFVVSETDLRIASVSANVEDLLRQPPASLLNVPIAH
YLTAASAARLTHALHGGDPAAINPIRLDVVTPDGERAFNGILHRHDSIVILELEPRDESRYTNEFFRSVRVAIRRLQTAA
DLPTACWIAASEVRRITGFDRIKVYQFAADWSGQVIAEDRDSGIPSLLDFHFPSSDIPAQSRALYTINPVRIIPDIGYRP
SPLVPDINPRLGGPIDLSFSVLRSVSPTHLEYMVNMGMHAAMSISIVRDNRLWGMISCHNLTPRFVSYEVRQACELIAQV
LTWQIGVLEEAEIVRHSVRMRAIQNRLLHELGDEQGLTAGLSRVSEEMLALMGASGFALCSFDGVAAFGRTPSDDEIQAL
ASWLSHRESRGIFQTQQLSASFPEAEVYSDIASGLLAVPLGRASTTLMLWFRPEVAQTVTWGGDPHKPVQIGPRGRRLQT
RASFEAWREEVRDRSRPWRSHEIVAAEEIRDLVVDVILGRALEHHHHHH
;
_entity_poly.pdbx_strand_id   A,B
#
# COMPACT_ATOMS: atom_id res chain seq x y z
N LEU A 25 29.62 -26.32 10.87
CA LEU A 25 28.31 -26.46 10.24
C LEU A 25 28.34 -26.03 8.74
N THR A 26 29.48 -25.50 8.25
CA THR A 26 29.63 -25.19 6.81
C THR A 26 29.61 -26.51 6.06
N GLU A 27 29.82 -27.63 6.76
CA GLU A 27 29.51 -28.90 6.14
C GLU A 27 27.98 -29.09 6.02
N CYS A 28 27.20 -28.71 7.05
CA CYS A 28 25.72 -28.72 6.88
C CYS A 28 25.40 -27.97 5.62
N ASP A 29 26.12 -26.87 5.39
CA ASP A 29 26.02 -26.05 4.18
C ASP A 29 26.44 -26.76 2.89
N ARG A 30 27.29 -27.78 2.97
CA ARG A 30 27.91 -28.36 1.78
C ARG A 30 27.09 -29.52 1.17
N GLU A 31 26.06 -29.98 1.87
CA GLU A 31 25.27 -31.09 1.33
C GLU A 31 24.53 -30.58 0.13
N PRO A 32 24.75 -31.19 -1.06
CA PRO A 32 24.21 -30.74 -2.35
C PRO A 32 22.81 -31.30 -2.62
N ILE A 33 21.78 -30.50 -2.46
CA ILE A 33 20.48 -31.12 -2.35
C ILE A 33 19.77 -31.22 -3.68
N HIS A 34 20.40 -30.66 -4.70
CA HIS A 34 19.79 -30.53 -6.03
C HIS A 34 20.20 -31.67 -7.00
N ILE A 35 21.09 -32.56 -6.53
CA ILE A 35 21.62 -33.66 -7.32
C ILE A 35 21.30 -35.03 -6.80
N PRO A 36 20.20 -35.17 -6.03
CA PRO A 36 20.00 -36.58 -5.69
C PRO A 36 19.65 -37.32 -6.97
N GLY A 37 19.30 -38.57 -6.85
CA GLY A 37 19.10 -39.28 -8.08
C GLY A 37 17.67 -39.68 -8.06
N ALA A 38 16.93 -39.03 -7.17
CA ALA A 38 15.61 -39.53 -6.88
C ALA A 38 14.52 -38.48 -6.75
N ILE A 39 13.28 -38.97 -6.73
CA ILE A 39 12.15 -38.10 -6.59
C ILE A 39 11.23 -38.69 -5.54
N GLN A 40 10.06 -38.12 -5.35
CA GLN A 40 9.20 -38.63 -4.31
C GLN A 40 8.06 -39.34 -4.99
N PRO A 41 7.90 -40.61 -4.65
CA PRO A 41 7.07 -41.52 -5.43
C PRO A 41 5.61 -41.15 -5.54
N HIS A 42 5.16 -39.99 -5.06
CA HIS A 42 3.76 -39.65 -5.24
C HIS A 42 3.60 -39.11 -6.62
N GLY A 43 4.72 -38.93 -7.32
CA GLY A 43 4.72 -38.42 -8.68
C GLY A 43 5.80 -38.99 -9.58
N TYR A 44 5.64 -38.78 -10.87
CA TYR A 44 6.55 -39.34 -11.85
C TYR A 44 7.21 -38.22 -12.63
N LEU A 45 8.55 -38.26 -12.67
CA LEU A 45 9.34 -37.33 -13.45
C LEU A 45 9.69 -37.90 -14.83
N PHE A 46 10.06 -37.04 -15.78
CA PHE A 46 10.65 -37.41 -17.07
C PHE A 46 11.62 -36.31 -17.48
N VAL A 47 12.31 -36.50 -18.59
CA VAL A 47 13.13 -35.45 -19.18
C VAL A 47 13.19 -35.78 -20.65
N VAL A 48 13.13 -34.79 -21.53
CA VAL A 48 12.95 -35.10 -22.94
C VAL A 48 13.85 -34.40 -23.97
N SER A 49 14.50 -35.18 -24.82
CA SER A 49 15.19 -34.59 -25.95
C SER A 49 14.05 -34.16 -26.82
N GLU A 50 14.15 -32.90 -27.21
CA GLU A 50 12.96 -32.12 -27.33
C GLU A 50 12.17 -32.15 -28.65
N THR A 51 12.81 -32.36 -29.79
CA THR A 51 12.06 -32.12 -31.02
C THR A 51 10.85 -32.99 -31.10
N ASP A 52 11.08 -34.29 -31.12
CA ASP A 52 9.96 -35.19 -31.15
C ASP A 52 9.63 -35.60 -29.72
N LEU A 53 10.22 -34.86 -28.77
CA LEU A 53 9.88 -35.04 -27.36
C LEU A 53 10.07 -36.47 -26.94
N ARG A 54 11.23 -36.99 -27.27
CA ARG A 54 11.50 -38.37 -26.96
C ARG A 54 11.97 -38.37 -25.52
N ILE A 55 11.54 -39.40 -24.80
CA ILE A 55 11.90 -39.62 -23.42
C ILE A 55 13.35 -39.97 -23.20
N ALA A 56 14.07 -39.16 -22.43
CA ALA A 56 15.47 -39.40 -22.18
C ALA A 56 15.78 -40.01 -20.83
N SER A 57 14.81 -40.02 -19.92
CA SER A 57 15.01 -40.53 -18.56
C SER A 57 13.78 -40.40 -17.70
N VAL A 58 13.71 -41.27 -16.70
CA VAL A 58 12.52 -41.42 -15.90
C VAL A 58 12.87 -41.88 -14.48
N SER A 59 11.88 -41.95 -13.61
CA SER A 59 12.11 -42.43 -12.28
C SER A 59 11.66 -43.88 -12.17
N ALA A 60 12.30 -44.58 -11.24
CA ALA A 60 11.93 -45.94 -10.93
C ALA A 60 10.40 -46.09 -10.86
N ASN A 61 9.74 -45.24 -10.10
CA ASN A 61 8.32 -45.45 -9.81
C ASN A 61 7.48 -45.41 -11.05
N VAL A 62 8.07 -45.02 -12.17
CA VAL A 62 7.37 -45.15 -13.42
C VAL A 62 6.80 -46.58 -13.65
N GLU A 63 7.52 -47.56 -13.08
CA GLU A 63 7.16 -48.96 -13.23
C GLU A 63 5.75 -49.21 -12.77
N ASP A 64 5.34 -48.53 -11.70
CA ASP A 64 4.02 -48.76 -11.15
C ASP A 64 2.89 -48.28 -12.06
N LEU A 65 3.17 -47.27 -12.89
CA LEU A 65 2.08 -46.80 -13.74
C LEU A 65 2.02 -47.48 -15.09
N LEU A 66 3.19 -47.79 -15.64
CA LEU A 66 3.25 -48.54 -16.89
C LEU A 66 4.00 -49.86 -16.64
N ARG A 67 3.31 -50.99 -16.48
CA ARG A 67 4.00 -52.20 -16.06
C ARG A 67 5.30 -52.55 -16.81
N GLN A 68 5.62 -51.75 -17.83
CA GLN A 68 6.82 -51.93 -18.64
C GLN A 68 8.04 -51.48 -17.80
N PRO A 69 9.29 -51.70 -18.27
CA PRO A 69 10.38 -51.20 -17.42
C PRO A 69 11.22 -50.07 -18.08
N PRO A 70 12.03 -49.31 -17.29
CA PRO A 70 12.64 -48.02 -17.66
C PRO A 70 13.13 -47.92 -19.08
N ALA A 71 14.03 -48.84 -19.41
CA ALA A 71 14.69 -48.76 -20.68
C ALA A 71 13.77 -49.06 -21.87
N SER A 72 12.62 -49.70 -21.65
CA SER A 72 11.70 -50.01 -22.76
C SER A 72 11.03 -48.75 -23.33
N LEU A 73 11.36 -47.61 -22.71
CA LEU A 73 10.71 -46.34 -22.97
C LEU A 73 11.74 -45.24 -23.14
N LEU A 74 12.99 -45.58 -22.91
CA LEU A 74 14.03 -44.62 -23.18
C LEU A 74 13.97 -44.22 -24.63
N ASN A 75 14.23 -42.94 -24.90
CA ASN A 75 14.24 -42.48 -26.28
C ASN A 75 13.01 -42.81 -27.14
N VAL A 76 11.80 -42.58 -26.62
CA VAL A 76 10.61 -42.83 -27.44
C VAL A 76 9.62 -41.68 -27.39
N PRO A 77 8.77 -41.54 -28.46
CA PRO A 77 7.72 -40.54 -28.50
C PRO A 77 6.99 -40.57 -27.18
N ILE A 78 7.17 -39.53 -26.37
CA ILE A 78 6.52 -39.57 -25.07
C ILE A 78 5.03 -39.60 -25.36
N ALA A 79 4.65 -38.79 -26.34
CA ALA A 79 3.27 -38.68 -26.80
C ALA A 79 2.60 -40.06 -27.05
N HIS A 80 3.42 -41.09 -27.27
CA HIS A 80 2.94 -42.45 -27.49
C HIS A 80 2.26 -42.91 -26.22
N TYR A 81 2.53 -42.17 -25.16
CA TYR A 81 2.04 -42.49 -23.83
C TYR A 81 0.89 -41.58 -23.45
N LEU A 82 0.55 -40.70 -24.39
CA LEU A 82 -0.52 -39.77 -24.18
C LEU A 82 -1.70 -39.88 -25.19
N THR A 83 -2.88 -39.52 -24.71
CA THR A 83 -4.05 -39.32 -25.55
C THR A 83 -3.84 -38.21 -26.61
N ALA A 84 -4.62 -38.28 -27.68
CA ALA A 84 -4.51 -37.36 -28.83
C ALA A 84 -4.44 -35.97 -28.31
N ALA A 85 -5.39 -35.66 -27.44
CA ALA A 85 -5.49 -34.33 -26.86
C ALA A 85 -4.33 -34.03 -25.88
N SER A 86 -3.97 -34.98 -25.01
CA SER A 86 -2.93 -34.69 -24.01
C SER A 86 -1.60 -34.35 -24.64
N ALA A 87 -1.17 -35.21 -25.55
CA ALA A 87 0.07 -35.06 -26.28
C ALA A 87 0.17 -33.72 -26.91
N ALA A 88 -0.88 -33.32 -27.60
CA ALA A 88 -0.88 -32.00 -28.21
C ALA A 88 -0.90 -30.91 -27.15
N ARG A 89 -1.67 -31.11 -26.07
CA ARG A 89 -1.80 -30.09 -25.03
C ARG A 89 -0.43 -29.88 -24.51
N LEU A 90 0.32 -30.97 -24.42
CA LEU A 90 1.68 -30.94 -23.95
C LEU A 90 2.54 -30.27 -24.99
N THR A 91 2.62 -30.89 -26.17
CA THR A 91 3.26 -30.29 -27.32
C THR A 91 2.89 -28.84 -27.47
N HIS A 92 1.61 -28.48 -27.53
CA HIS A 92 1.31 -27.06 -27.66
C HIS A 92 1.89 -26.32 -26.47
N ALA A 93 1.97 -26.98 -25.32
CA ALA A 93 2.60 -26.32 -24.17
C ALA A 93 4.14 -26.28 -24.27
N LEU A 94 4.75 -27.22 -25.01
CA LEU A 94 6.22 -27.27 -25.23
C LEU A 94 6.74 -25.95 -25.75
N HIS A 95 6.05 -25.32 -26.70
CA HIS A 95 6.18 -23.86 -26.90
C HIS A 95 4.98 -23.13 -26.38
N GLY A 96 4.43 -23.57 -25.24
CA GLY A 96 3.24 -22.97 -24.67
C GLY A 96 3.56 -21.51 -24.68
N GLY A 97 4.56 -21.14 -23.88
CA GLY A 97 5.23 -19.86 -24.05
C GLY A 97 4.39 -18.68 -23.57
N ASP A 98 3.28 -18.98 -22.93
CA ASP A 98 2.52 -17.96 -22.24
C ASP A 98 3.22 -18.01 -20.93
N PRO A 99 3.78 -16.87 -20.54
CA PRO A 99 4.89 -16.90 -19.59
C PRO A 99 5.58 -18.30 -19.49
N ALA A 100 5.74 -18.71 -18.25
CA ALA A 100 5.81 -20.11 -17.95
C ALA A 100 4.71 -20.27 -16.90
N ALA A 101 3.51 -19.74 -17.23
CA ALA A 101 2.31 -19.91 -16.40
C ALA A 101 1.32 -20.88 -17.09
N ILE A 102 1.93 -21.90 -17.66
CA ILE A 102 1.24 -22.87 -18.45
C ILE A 102 0.87 -23.94 -17.50
N ASN A 103 1.60 -24.01 -16.39
CA ASN A 103 1.37 -25.06 -15.40
C ASN A 103 0.11 -24.84 -14.52
N PRO A 104 -0.59 -25.95 -14.12
CA PRO A 104 -0.27 -27.36 -14.46
C PRO A 104 -0.99 -27.70 -15.71
N ILE A 105 -0.53 -28.75 -16.40
CA ILE A 105 -1.18 -29.17 -17.63
C ILE A 105 -1.93 -30.47 -17.41
N ARG A 106 -3.20 -30.48 -17.78
CA ARG A 106 -3.92 -31.74 -17.71
C ARG A 106 -3.32 -32.80 -18.62
N LEU A 107 -2.69 -33.81 -18.04
CA LEU A 107 -2.21 -34.86 -18.92
C LEU A 107 -3.08 -36.05 -18.65
N ASP A 108 -3.31 -36.87 -19.66
CA ASP A 108 -4.08 -38.10 -19.43
C ASP A 108 -3.21 -39.17 -19.84
N VAL A 109 -2.73 -39.90 -18.85
CA VAL A 109 -1.81 -40.97 -19.21
C VAL A 109 -2.50 -42.31 -19.50
N VAL A 110 -2.23 -42.83 -20.70
CA VAL A 110 -2.65 -44.19 -21.06
C VAL A 110 -1.84 -45.24 -20.33
N THR A 111 -2.52 -46.24 -19.77
CA THR A 111 -1.84 -47.18 -18.89
C THR A 111 -2.47 -48.57 -19.11
N PRO A 112 -1.76 -49.61 -18.64
CA PRO A 112 -2.31 -50.97 -18.62
C PRO A 112 -3.54 -51.05 -17.76
N ASP A 113 -3.35 -50.74 -16.48
CA ASP A 113 -4.45 -50.73 -15.53
C ASP A 113 -5.34 -49.57 -15.98
N GLY A 114 -6.46 -49.30 -15.33
CA GLY A 114 -7.33 -48.27 -15.87
C GLY A 114 -6.72 -46.83 -15.95
N GLU A 115 -7.44 -45.93 -16.63
CA GLU A 115 -6.99 -44.59 -17.08
C GLU A 115 -6.37 -43.66 -16.00
N ARG A 116 -5.34 -42.86 -16.31
CA ARG A 116 -4.71 -42.12 -15.21
C ARG A 116 -4.45 -40.64 -15.58
N ALA A 117 -4.97 -39.77 -14.74
CA ALA A 117 -4.99 -38.31 -15.03
C ALA A 117 -4.02 -37.58 -14.16
N PHE A 118 -3.17 -36.78 -14.79
CA PHE A 118 -2.16 -36.17 -13.99
C PHE A 118 -2.11 -34.71 -14.27
N ASN A 119 -1.66 -34.01 -13.23
CA ASN A 119 -1.25 -32.64 -13.38
C ASN A 119 0.19 -32.60 -13.87
N GLY A 120 0.44 -31.86 -14.93
CA GLY A 120 1.75 -31.97 -15.57
C GLY A 120 2.46 -30.69 -15.26
N ILE A 121 3.71 -30.80 -14.83
CA ILE A 121 4.43 -29.63 -14.46
C ILE A 121 5.75 -29.57 -15.16
N LEU A 122 5.75 -28.73 -16.18
CA LEU A 122 6.82 -28.74 -17.11
C LEU A 122 7.73 -27.59 -16.80
N HIS A 123 9.03 -27.80 -16.91
CA HIS A 123 9.97 -26.69 -16.76
C HIS A 123 11.29 -27.01 -17.40
N ARG A 124 12.11 -25.98 -17.59
CA ARG A 124 13.40 -26.17 -18.29
C ARG A 124 14.55 -25.82 -17.42
N HIS A 125 15.62 -26.59 -17.50
CA HIS A 125 16.71 -26.27 -16.65
C HIS A 125 17.92 -27.05 -17.10
N ASP A 126 19.11 -26.50 -16.88
CA ASP A 126 20.30 -27.20 -17.28
C ASP A 126 20.14 -27.74 -18.72
N SER A 127 19.63 -26.90 -19.62
CA SER A 127 19.55 -27.24 -21.05
C SER A 127 18.65 -28.41 -21.40
N ILE A 128 17.67 -28.73 -20.57
CA ILE A 128 16.76 -29.79 -20.92
C ILE A 128 15.38 -29.51 -20.49
N VAL A 129 14.51 -30.43 -20.86
CA VAL A 129 13.16 -30.28 -20.39
C VAL A 129 12.79 -31.38 -19.45
N ILE A 130 12.24 -30.98 -18.29
CA ILE A 130 11.80 -31.90 -17.28
C ILE A 130 10.30 -31.80 -17.17
N LEU A 131 9.62 -32.93 -17.08
CA LEU A 131 8.16 -32.98 -16.88
C LEU A 131 7.84 -33.80 -15.66
N GLU A 132 6.97 -33.27 -14.80
CA GLU A 132 6.54 -34.06 -13.66
C GLU A 132 5.05 -34.20 -13.63
N LEU A 133 4.62 -35.34 -13.11
CA LEU A 133 3.21 -35.62 -13.06
C LEU A 133 2.79 -35.79 -11.61
N GLU A 134 1.77 -35.06 -11.23
CA GLU A 134 1.33 -35.06 -9.86
C GLU A 134 -0.19 -35.24 -10.00
N PRO A 135 -0.79 -35.81 -8.93
CA PRO A 135 -2.21 -36.12 -8.75
C PRO A 135 -3.14 -34.90 -8.91
N ARG A 136 -4.05 -34.86 -9.89
CA ARG A 136 -4.99 -33.74 -9.96
C ARG A 136 -5.86 -33.91 -8.70
N ASP A 137 -6.07 -32.83 -7.94
CA ASP A 137 -6.75 -32.93 -6.62
C ASP A 137 -7.92 -31.94 -6.43
N GLU A 138 -8.40 -31.42 -7.55
CA GLU A 138 -9.83 -31.25 -7.77
C GLU A 138 -9.92 -31.62 -9.21
N SER A 139 -10.93 -32.42 -9.53
CA SER A 139 -11.22 -32.58 -10.93
C SER A 139 -11.92 -31.32 -11.45
N ARG A 140 -12.17 -30.34 -10.56
CA ARG A 140 -12.65 -29.00 -10.96
C ARG A 140 -12.42 -27.91 -9.91
N TYR A 141 -11.67 -26.87 -10.23
CA TYR A 141 -11.68 -25.78 -9.26
C TYR A 141 -12.71 -24.73 -9.54
N THR A 142 -13.42 -24.37 -8.46
CA THR A 142 -14.83 -23.92 -8.46
C THR A 142 -15.03 -22.39 -8.31
N ASN A 143 -16.24 -21.88 -8.26
CA ASN A 143 -16.37 -20.50 -7.83
C ASN A 143 -16.24 -20.34 -6.32
N GLU A 144 -16.53 -21.37 -5.53
CA GLU A 144 -16.44 -21.21 -4.07
C GLU A 144 -15.00 -21.00 -3.66
N PHE A 145 -14.11 -21.61 -4.38
CA PHE A 145 -12.73 -21.51 -4.00
C PHE A 145 -12.24 -20.08 -4.26
N PHE A 146 -12.56 -19.56 -5.43
CA PHE A 146 -12.14 -18.21 -5.77
C PHE A 146 -12.51 -17.22 -4.73
N ARG A 147 -13.73 -17.32 -4.23
CA ARG A 147 -14.15 -16.40 -3.17
C ARG A 147 -13.35 -16.66 -1.90
N SER A 148 -13.00 -17.91 -1.62
CA SER A 148 -12.27 -18.16 -0.41
C SER A 148 -10.92 -17.45 -0.51
N VAL A 149 -10.20 -17.58 -1.59
CA VAL A 149 -8.96 -16.83 -1.57
C VAL A 149 -9.24 -15.31 -1.63
N ARG A 150 -10.30 -14.89 -2.30
CA ARG A 150 -10.56 -13.46 -2.37
C ARG A 150 -10.73 -12.97 -0.96
N VAL A 151 -11.57 -13.63 -0.15
CA VAL A 151 -11.69 -13.07 1.18
C VAL A 151 -10.42 -13.29 2.00
N ALA A 152 -9.66 -14.34 1.76
CA ALA A 152 -8.39 -14.41 2.42
C ALA A 152 -7.61 -13.15 2.12
N ILE A 153 -7.56 -12.74 0.89
CA ILE A 153 -6.75 -11.64 0.58
C ILE A 153 -7.26 -10.36 1.18
N ARG A 154 -8.55 -10.14 1.12
CA ARG A 154 -9.11 -8.92 1.63
C ARG A 154 -8.67 -8.82 3.07
N ARG A 155 -8.76 -9.92 3.81
CA ARG A 155 -8.40 -9.87 5.19
C ARG A 155 -6.92 -9.53 5.34
N LEU A 156 -6.12 -10.16 4.54
CA LEU A 156 -4.73 -9.98 4.72
C LEU A 156 -4.36 -8.54 4.54
N GLN A 157 -5.07 -7.86 3.65
CA GLN A 157 -4.77 -6.50 3.27
C GLN A 157 -5.32 -5.48 4.28
N THR A 158 -6.41 -5.82 4.92
CA THR A 158 -6.93 -4.98 5.93
C THR A 158 -6.36 -5.28 7.30
N ALA A 159 -5.30 -6.04 7.42
CA ALA A 159 -4.67 -6.23 8.73
C ALA A 159 -4.18 -5.00 9.41
N ALA A 160 -4.29 -4.97 10.71
CA ALA A 160 -3.88 -3.80 11.43
C ALA A 160 -2.31 -3.66 11.53
N ASP A 161 -1.56 -4.74 11.65
CA ASP A 161 -0.13 -4.62 11.89
C ASP A 161 0.56 -5.92 11.56
N LEU A 162 1.89 -5.91 11.45
CA LEU A 162 2.60 -7.07 10.92
C LEU A 162 2.25 -8.38 11.59
N PRO A 163 2.18 -8.42 12.92
CA PRO A 163 1.74 -9.69 13.50
C PRO A 163 0.37 -10.18 13.06
N THR A 164 -0.55 -9.25 12.95
CA THR A 164 -1.86 -9.74 12.71
C THR A 164 -1.94 -10.28 11.31
N ALA A 165 -1.25 -9.57 10.47
CA ALA A 165 -1.20 -9.93 9.10
C ALA A 165 -0.50 -11.30 8.97
N CYS A 166 0.51 -11.59 9.78
CA CYS A 166 1.17 -12.87 9.65
C CYS A 166 0.24 -13.93 10.04
N TRP A 167 -0.47 -13.62 11.09
CA TRP A 167 -1.41 -14.56 11.52
C TRP A 167 -2.51 -14.88 10.52
N ILE A 168 -2.99 -13.86 9.86
CA ILE A 168 -4.03 -14.05 8.92
C ILE A 168 -3.63 -15.01 7.81
N ALA A 169 -2.43 -14.79 7.27
CA ALA A 169 -1.93 -15.62 6.20
C ALA A 169 -1.87 -17.06 6.69
N ALA A 170 -1.48 -17.22 7.93
CA ALA A 170 -1.47 -18.53 8.55
C ALA A 170 -2.86 -19.19 8.55
N SER A 171 -3.85 -18.53 9.09
CA SER A 171 -5.10 -19.20 9.19
C SER A 171 -5.69 -19.43 7.83
N GLU A 172 -5.48 -18.50 6.89
CA GLU A 172 -6.13 -18.68 5.62
C GLU A 172 -5.55 -19.83 4.81
N VAL A 173 -4.22 -19.85 4.73
CA VAL A 173 -3.44 -21.04 4.37
C VAL A 173 -3.98 -22.23 5.04
N ARG A 174 -4.25 -22.13 6.33
CA ARG A 174 -4.73 -23.30 7.06
C ARG A 174 -6.06 -23.76 6.52
N ARG A 175 -7.03 -22.85 6.46
CA ARG A 175 -8.33 -23.11 5.83
C ARG A 175 -8.23 -23.80 4.50
N ILE A 176 -7.33 -23.43 3.61
CA ILE A 176 -7.38 -24.16 2.34
C ILE A 176 -6.48 -25.35 2.20
N THR A 177 -5.47 -25.51 3.03
CA THR A 177 -4.63 -26.67 2.83
C THR A 177 -4.99 -27.71 3.85
N GLY A 178 -5.63 -27.25 4.91
CA GLY A 178 -6.09 -28.09 5.98
C GLY A 178 -5.05 -28.66 6.90
N PHE A 179 -3.75 -28.38 6.69
CA PHE A 179 -2.70 -28.95 7.54
C PHE A 179 -2.91 -28.56 8.98
N ASP A 180 -2.30 -29.34 9.82
CA ASP A 180 -2.69 -29.32 11.20
C ASP A 180 -2.09 -28.08 11.78
N ARG A 181 -0.93 -27.69 11.26
CA ARG A 181 -0.26 -26.45 11.75
C ARG A 181 0.44 -25.59 10.75
N ILE A 182 0.12 -24.31 10.82
CA ILE A 182 0.71 -23.27 9.93
C ILE A 182 1.50 -22.22 10.69
N LYS A 183 2.76 -22.06 10.30
CA LYS A 183 3.62 -21.12 10.99
C LYS A 183 4.11 -20.04 10.10
N VAL A 184 4.26 -18.84 10.63
CA VAL A 184 4.98 -17.82 9.85
C VAL A 184 6.33 -17.63 10.50
N TYR A 185 7.37 -17.89 9.76
CA TYR A 185 8.72 -17.83 10.32
C TYR A 185 9.57 -16.75 9.72
N GLN A 186 10.09 -15.88 10.58
CA GLN A 186 10.80 -14.71 10.09
C GLN A 186 12.26 -14.72 10.45
N PHE A 187 13.12 -14.65 9.43
CA PHE A 187 14.57 -14.71 9.62
C PHE A 187 15.20 -13.46 10.28
N ALA A 188 16.25 -13.57 11.07
CA ALA A 188 16.96 -12.34 11.50
C ALA A 188 18.38 -12.21 10.97
N ALA A 189 19.05 -11.09 11.26
CA ALA A 189 20.36 -10.82 10.65
C ALA A 189 21.26 -12.03 10.56
N ASP A 190 21.26 -12.94 11.56
CA ASP A 190 22.13 -14.13 11.50
C ASP A 190 21.56 -15.37 10.81
N TRP A 191 20.42 -15.29 10.14
CA TRP A 191 19.72 -16.48 9.60
C TRP A 191 19.16 -17.46 10.66
N SER A 192 19.13 -17.03 11.92
CA SER A 192 18.19 -17.59 12.87
C SER A 192 16.84 -16.93 12.56
N GLY A 193 15.76 -17.62 12.88
CA GLY A 193 14.48 -16.94 12.84
C GLY A 193 13.63 -17.28 14.01
N GLN A 194 12.43 -16.68 14.02
CA GLN A 194 11.44 -17.06 15.03
C GLN A 194 10.05 -17.17 14.41
N VAL A 195 9.22 -18.00 15.00
CA VAL A 195 7.85 -18.11 14.54
C VAL A 195 7.10 -16.88 15.02
N ILE A 196 6.64 -15.99 14.15
CA ILE A 196 5.96 -14.86 14.71
C ILE A 196 4.46 -14.95 14.62
N ALA A 197 3.97 -15.97 13.95
CA ALA A 197 2.54 -16.17 13.91
C ALA A 197 2.28 -17.62 13.63
N GLU A 198 1.22 -18.10 14.23
CA GLU A 198 0.93 -19.46 14.02
C GLU A 198 -0.53 -19.65 14.09
N ASP A 199 -1.07 -20.50 13.23
CA ASP A 199 -2.42 -20.96 13.49
C ASP A 199 -2.46 -22.49 13.56
N ARG A 200 -3.18 -23.09 14.51
CA ARG A 200 -3.17 -24.55 14.54
C ARG A 200 -4.51 -25.04 14.90
N ASP A 201 -4.75 -26.29 14.51
CA ASP A 201 -5.89 -27.07 14.88
C ASP A 201 -5.77 -27.41 16.37
N SER A 202 -6.92 -27.59 17.02
CA SER A 202 -6.97 -27.97 18.42
C SER A 202 -6.09 -29.15 18.70
N GLY A 203 -5.37 -29.08 19.82
CA GLY A 203 -4.53 -30.17 20.25
C GLY A 203 -3.29 -30.40 19.40
N ILE A 204 -2.68 -29.33 18.94
CA ILE A 204 -1.47 -29.48 18.18
C ILE A 204 -0.51 -28.60 18.90
N PRO A 205 0.74 -29.05 19.06
CA PRO A 205 1.69 -28.32 19.88
C PRO A 205 2.12 -26.98 19.30
N SER A 206 2.24 -25.98 20.15
CA SER A 206 2.51 -24.65 19.65
C SER A 206 3.98 -24.30 19.79
N LEU A 207 4.54 -23.92 18.67
CA LEU A 207 5.84 -23.33 18.63
C LEU A 207 5.84 -21.83 18.42
N LEU A 208 4.81 -21.10 18.86
CA LEU A 208 4.81 -19.67 18.65
C LEU A 208 5.94 -19.02 19.42
N ASP A 209 6.71 -18.19 18.72
CA ASP A 209 7.74 -17.34 19.32
C ASP A 209 9.06 -18.07 19.54
N PHE A 210 9.06 -19.35 19.25
CA PHE A 210 10.25 -20.17 19.31
C PHE A 210 11.25 -19.59 18.29
N HIS A 211 12.51 -19.46 18.76
CA HIS A 211 13.59 -19.14 17.86
C HIS A 211 14.26 -20.42 17.43
N PHE A 212 14.94 -20.37 16.31
CA PHE A 212 15.56 -21.56 15.77
C PHE A 212 16.91 -21.15 15.22
N PRO A 213 17.85 -22.04 15.23
CA PRO A 213 19.15 -21.59 14.76
C PRO A 213 19.32 -21.59 13.22
N SER A 214 20.24 -20.81 12.66
CA SER A 214 20.55 -20.85 11.21
C SER A 214 20.87 -22.27 10.66
N SER A 215 21.37 -23.09 11.55
CA SER A 215 21.68 -24.43 11.16
C SER A 215 20.41 -25.07 10.53
N ASP A 216 19.22 -24.66 10.95
CA ASP A 216 18.07 -25.50 10.65
C ASP A 216 17.63 -25.34 9.20
N ILE A 217 17.87 -24.16 8.65
CA ILE A 217 17.73 -24.00 7.24
C ILE A 217 19.02 -23.40 6.83
N PRO A 218 19.96 -24.26 6.44
CA PRO A 218 21.38 -24.09 6.14
C PRO A 218 21.48 -23.29 4.88
N ALA A 219 22.66 -22.77 4.55
CA ALA A 219 22.73 -21.72 3.52
C ALA A 219 22.19 -22.07 2.16
N GLN A 220 22.58 -23.23 1.69
CA GLN A 220 22.18 -23.71 0.39
C GLN A 220 20.71 -23.88 0.30
N SER A 221 20.09 -24.37 1.37
CA SER A 221 18.65 -24.44 1.38
C SER A 221 18.04 -23.07 1.10
N ARG A 222 18.55 -22.08 1.84
CA ARG A 222 18.05 -20.70 1.81
C ARG A 222 18.16 -20.20 0.41
N ALA A 223 19.30 -20.52 -0.21
CA ALA A 223 19.51 -20.05 -1.56
C ALA A 223 18.48 -20.58 -2.53
N LEU A 224 18.20 -21.86 -2.46
CA LEU A 224 17.26 -22.45 -3.38
C LEU A 224 15.93 -21.87 -3.07
N TYR A 225 15.64 -21.80 -1.78
CA TYR A 225 14.33 -21.25 -1.43
C TYR A 225 14.23 -19.81 -1.87
N THR A 226 15.34 -19.16 -2.15
CA THR A 226 15.18 -17.83 -2.57
C THR A 226 14.78 -17.76 -4.01
N ILE A 227 15.13 -18.76 -4.79
CA ILE A 227 14.72 -18.73 -6.18
C ILE A 227 13.66 -19.76 -6.53
N ASN A 228 13.40 -20.67 -5.60
CA ASN A 228 12.31 -21.59 -5.71
C ASN A 228 11.46 -21.56 -4.44
N PRO A 229 10.31 -20.92 -4.51
CA PRO A 229 9.54 -20.47 -3.36
C PRO A 229 8.54 -21.45 -2.78
N VAL A 230 8.25 -22.54 -3.44
CA VAL A 230 7.36 -23.45 -2.73
C VAL A 230 7.85 -24.87 -2.91
N ARG A 231 7.75 -25.69 -1.88
CA ARG A 231 8.18 -27.09 -1.88
C ARG A 231 7.26 -27.86 -0.94
N ILE A 232 7.09 -29.15 -1.19
CA ILE A 232 6.23 -30.00 -0.37
C ILE A 232 6.77 -31.37 -0.28
N ILE A 233 6.61 -31.95 0.90
CA ILE A 233 6.97 -33.34 1.22
C ILE A 233 5.77 -34.05 1.81
N PRO A 234 4.88 -34.59 0.97
CA PRO A 234 3.54 -34.97 1.43
C PRO A 234 3.61 -36.13 2.35
N ASP A 235 4.67 -36.92 2.29
CA ASP A 235 4.94 -37.90 3.33
C ASP A 235 6.44 -37.88 3.64
N ILE A 236 6.81 -37.64 4.88
CA ILE A 236 8.22 -37.56 5.21
C ILE A 236 8.93 -38.89 5.29
N GLY A 237 8.26 -40.01 5.02
CA GLY A 237 8.95 -41.30 5.09
C GLY A 237 9.02 -42.01 3.76
N TYR A 238 9.21 -41.29 2.66
CA TYR A 238 9.06 -41.85 1.30
C TYR A 238 10.24 -42.75 0.81
N ARG A 239 9.92 -43.62 -0.19
CA ARG A 239 10.88 -44.49 -0.87
C ARG A 239 11.31 -43.86 -2.18
N PRO A 240 12.42 -43.09 -2.14
CA PRO A 240 12.95 -42.28 -3.24
C PRO A 240 13.16 -43.06 -4.54
N SER A 241 12.30 -42.84 -5.54
CA SER A 241 12.45 -43.55 -6.79
C SER A 241 13.62 -42.92 -7.50
N PRO A 242 14.63 -43.72 -7.87
CA PRO A 242 15.66 -42.92 -8.53
C PRO A 242 15.40 -42.81 -10.01
N LEU A 243 16.29 -42.13 -10.69
CA LEU A 243 16.08 -41.89 -12.11
C LEU A 243 17.00 -42.70 -12.99
N VAL A 244 16.41 -43.42 -13.92
CA VAL A 244 17.12 -44.23 -14.88
C VAL A 244 17.29 -43.48 -16.19
N PRO A 245 18.44 -42.86 -16.42
CA PRO A 245 19.63 -42.70 -15.60
C PRO A 245 19.65 -41.30 -15.03
N ASP A 246 20.82 -40.92 -14.53
CA ASP A 246 21.09 -39.63 -13.96
C ASP A 246 22.08 -38.89 -14.89
N ILE A 247 21.97 -39.10 -16.19
CA ILE A 247 22.80 -38.28 -17.08
C ILE A 247 22.02 -37.31 -17.98
N ASN A 248 22.45 -36.06 -17.98
CA ASN A 248 21.90 -35.02 -18.84
C ASN A 248 22.27 -35.29 -20.28
N PRO A 249 21.28 -35.55 -21.14
CA PRO A 249 21.55 -35.87 -22.55
C PRO A 249 22.18 -34.71 -23.34
N ARG A 250 22.30 -33.54 -22.72
CA ARG A 250 22.93 -32.42 -23.38
C ARG A 250 24.21 -31.98 -22.63
N LEU A 251 24.30 -32.34 -21.34
CA LEU A 251 25.43 -31.92 -20.54
C LEU A 251 26.08 -33.07 -19.83
N GLY A 252 25.44 -34.22 -19.92
CA GLY A 252 26.03 -35.47 -19.46
C GLY A 252 26.39 -35.54 -17.99
N GLY A 253 26.15 -34.48 -17.21
CA GLY A 253 26.51 -34.56 -15.82
C GLY A 253 25.33 -35.11 -15.06
N PRO A 254 25.37 -35.04 -13.72
CA PRO A 254 24.22 -35.34 -12.86
C PRO A 254 23.06 -34.45 -13.19
N ILE A 255 21.82 -34.89 -12.96
CA ILE A 255 20.63 -34.07 -13.31
C ILE A 255 20.22 -33.06 -12.28
N ASP A 256 19.99 -31.82 -12.70
CA ASP A 256 19.63 -30.78 -11.72
C ASP A 256 18.15 -30.63 -11.48
N LEU A 257 17.70 -31.05 -10.31
CA LEU A 257 16.27 -30.98 -10.01
C LEU A 257 15.90 -29.73 -9.16
N SER A 258 16.76 -28.72 -9.17
CA SER A 258 16.49 -27.47 -8.45
C SER A 258 15.06 -27.04 -8.55
N PHE A 259 14.56 -26.97 -9.77
CA PHE A 259 13.20 -26.49 -9.94
C PHE A 259 12.23 -27.60 -10.16
N SER A 260 12.69 -28.81 -9.87
CA SER A 260 11.82 -29.93 -9.81
C SER A 260 11.09 -29.95 -8.49
N VAL A 261 9.77 -30.07 -8.54
CA VAL A 261 8.90 -30.02 -7.35
C VAL A 261 8.88 -31.36 -6.67
N LEU A 262 9.37 -32.33 -7.42
CA LEU A 262 9.14 -33.71 -7.08
C LEU A 262 10.39 -34.26 -6.45
N ARG A 263 11.36 -33.36 -6.33
CA ARG A 263 12.73 -33.71 -5.93
C ARG A 263 12.89 -34.22 -4.51
N SER A 264 13.16 -35.51 -4.36
CA SER A 264 13.59 -36.06 -3.07
C SER A 264 14.54 -35.12 -2.33
N VAL A 265 14.32 -34.90 -1.04
CA VAL A 265 15.05 -33.83 -0.39
C VAL A 265 16.14 -34.42 0.40
N SER A 266 16.96 -33.59 1.00
CA SER A 266 17.92 -34.09 1.98
C SER A 266 17.34 -35.04 3.01
N PRO A 267 17.97 -36.21 3.20
CA PRO A 267 17.51 -36.94 4.39
C PRO A 267 17.85 -36.29 5.73
N THR A 268 18.94 -35.54 5.91
CA THR A 268 19.13 -34.81 7.16
C THR A 268 17.81 -34.21 7.64
N HIS A 269 17.19 -33.47 6.75
CA HIS A 269 15.97 -32.79 7.09
C HIS A 269 14.85 -33.75 7.42
N LEU A 270 14.81 -34.83 6.66
CA LEU A 270 13.74 -35.77 6.81
C LEU A 270 13.69 -36.23 8.28
N GLU A 271 14.86 -36.33 8.90
CA GLU A 271 14.88 -36.85 10.23
C GLU A 271 14.48 -35.80 11.21
N TYR A 272 14.81 -34.56 10.86
CA TYR A 272 14.35 -33.39 11.59
C TYR A 272 12.88 -33.50 11.84
N MET A 273 12.22 -33.92 10.79
CA MET A 273 10.80 -33.92 10.75
C MET A 273 10.15 -35.04 11.53
N VAL A 274 10.72 -36.24 11.48
CA VAL A 274 10.17 -37.28 12.36
C VAL A 274 10.51 -36.93 13.76
N ASN A 275 11.51 -36.09 13.90
CA ASN A 275 12.00 -35.84 15.24
CA ASN A 275 12.02 -35.82 15.21
C ASN A 275 11.13 -34.74 15.73
N MET A 276 10.22 -34.34 14.88
CA MET A 276 9.39 -33.20 15.16
C MET A 276 7.95 -33.62 15.29
N GLY A 277 7.66 -34.82 14.80
CA GLY A 277 6.34 -35.43 14.93
C GLY A 277 5.36 -35.13 13.83
N MET A 278 5.88 -34.86 12.64
CA MET A 278 5.04 -34.36 11.56
C MET A 278 5.34 -35.09 10.26
N HIS A 279 4.38 -35.82 9.75
CA HIS A 279 4.67 -36.67 8.65
C HIS A 279 4.30 -36.07 7.28
N ALA A 280 4.14 -34.73 7.29
CA ALA A 280 4.06 -33.92 6.04
C ALA A 280 4.42 -32.43 6.21
N ALA A 281 5.09 -31.87 5.22
CA ALA A 281 5.63 -30.53 5.33
C ALA A 281 5.50 -29.84 4.01
N MET A 282 5.07 -28.58 4.01
CA MET A 282 5.02 -27.74 2.82
C MET A 282 5.50 -26.38 3.28
N SER A 283 6.21 -25.69 2.42
CA SER A 283 6.69 -24.39 2.82
C SER A 283 6.73 -23.42 1.66
N ILE A 284 6.24 -22.21 1.91
CA ILE A 284 6.34 -21.20 0.85
C ILE A 284 7.18 -20.10 1.29
N SER A 285 8.18 -19.75 0.49
CA SER A 285 9.06 -18.60 0.82
C SER A 285 8.39 -17.22 0.80
N ILE A 286 8.83 -16.40 1.72
CA ILE A 286 8.47 -14.98 1.67
C ILE A 286 9.69 -14.27 1.19
N VAL A 287 9.64 -13.75 -0.02
CA VAL A 287 10.87 -13.15 -0.57
C VAL A 287 10.68 -11.69 -0.85
N ARG A 288 11.55 -10.91 -0.23
CA ARG A 288 11.37 -9.47 -0.22
CA ARG A 288 11.38 -9.46 -0.22
C ARG A 288 12.66 -8.75 -0.61
N ASP A 289 12.61 -7.97 -1.70
CA ASP A 289 13.80 -7.30 -2.24
C ASP A 289 14.89 -8.29 -2.47
N ASN A 290 14.55 -9.39 -3.14
CA ASN A 290 15.52 -10.50 -3.44
C ASN A 290 16.34 -11.00 -2.29
N ARG A 291 15.76 -11.04 -1.11
CA ARG A 291 16.35 -11.59 0.02
C ARG A 291 15.26 -12.40 0.73
N LEU A 292 15.70 -13.55 1.21
CA LEU A 292 14.76 -14.41 1.87
C LEU A 292 14.32 -13.73 3.12
N TRP A 293 13.03 -13.41 3.25
CA TRP A 293 12.56 -12.72 4.44
C TRP A 293 12.09 -13.62 5.46
N GLY A 294 11.42 -14.69 5.03
CA GLY A 294 10.86 -15.65 5.99
C GLY A 294 10.25 -16.82 5.30
N MET A 295 9.53 -17.65 6.03
CA MET A 295 8.90 -18.84 5.42
C MET A 295 7.51 -19.01 6.01
N ILE A 296 6.57 -19.44 5.19
CA ILE A 296 5.36 -20.06 5.74
C ILE A 296 5.56 -21.58 5.76
N SER A 297 5.68 -22.14 6.94
CA SER A 297 5.92 -23.55 6.99
C SER A 297 4.66 -24.25 7.43
N CYS A 298 4.28 -25.31 6.72
CA CYS A 298 3.03 -25.98 7.04
C CYS A 298 3.31 -27.45 7.41
N HIS A 299 2.78 -27.87 8.54
CA HIS A 299 3.04 -29.20 9.06
C HIS A 299 1.75 -29.96 9.34
N ASN A 300 1.70 -31.26 9.01
CA ASN A 300 0.56 -32.15 9.33
C ASN A 300 1.12 -33.39 9.98
N LEU A 301 0.39 -33.91 10.96
CA LEU A 301 0.79 -35.10 11.71
C LEU A 301 0.84 -36.29 10.83
N THR A 302 -0.26 -36.53 10.15
CA THR A 302 -0.32 -37.67 9.28
C THR A 302 -0.17 -37.14 7.86
N PRO A 303 0.35 -37.95 6.94
CA PRO A 303 0.59 -37.44 5.59
C PRO A 303 -0.60 -36.78 4.92
N ARG A 304 -0.26 -35.79 4.08
CA ARG A 304 -1.22 -34.96 3.34
C ARG A 304 -0.55 -34.50 2.09
N PHE A 305 -1.34 -34.31 1.07
CA PHE A 305 -0.77 -33.80 -0.15
C PHE A 305 -1.69 -32.73 -0.56
N VAL A 306 -1.19 -31.69 -1.16
CA VAL A 306 -2.17 -30.80 -1.65
C VAL A 306 -1.81 -30.48 -3.07
N SER A 307 -2.82 -30.23 -3.90
CA SER A 307 -2.59 -30.10 -5.35
C SER A 307 -1.82 -28.87 -5.75
N TYR A 308 -1.20 -28.97 -6.91
CA TYR A 308 -0.55 -27.80 -7.49
C TYR A 308 -1.36 -26.49 -7.35
N GLU A 309 -2.61 -26.53 -7.78
CA GLU A 309 -3.57 -25.43 -7.69
C GLU A 309 -3.63 -24.90 -6.25
N VAL A 310 -3.63 -25.78 -5.29
CA VAL A 310 -3.69 -25.30 -3.93
C VAL A 310 -2.35 -24.62 -3.48
N ARG A 311 -1.21 -25.17 -3.86
CA ARG A 311 0.05 -24.59 -3.47
C ARG A 311 0.25 -23.24 -4.11
N GLN A 312 -0.34 -23.12 -5.27
CA GLN A 312 -0.27 -21.92 -5.99
C GLN A 312 -1.05 -20.89 -5.29
N ALA A 313 -2.18 -21.18 -4.67
CA ALA A 313 -2.83 -20.10 -3.96
C ALA A 313 -2.05 -19.72 -2.70
N CYS A 314 -1.37 -20.71 -2.11
CA CYS A 314 -0.58 -20.42 -0.94
C CYS A 314 0.50 -19.49 -1.30
N GLU A 315 1.09 -19.72 -2.44
CA GLU A 315 2.14 -18.88 -2.84
C GLU A 315 1.55 -17.49 -3.07
N LEU A 316 0.31 -17.50 -3.49
CA LEU A 316 -0.30 -16.24 -3.77
C LEU A 316 -0.52 -15.52 -2.44
N ILE A 317 -0.99 -16.20 -1.44
CA ILE A 317 -1.10 -15.58 -0.16
C ILE A 317 0.27 -15.04 0.30
N ALA A 318 1.33 -15.74 0.08
CA ALA A 318 2.56 -15.31 0.59
C ALA A 318 2.96 -14.03 -0.14
N GLN A 319 2.59 -13.99 -1.38
CA GLN A 319 3.05 -12.85 -2.11
C GLN A 319 2.25 -11.67 -1.64
N VAL A 320 0.94 -11.82 -1.45
CA VAL A 320 0.18 -10.73 -0.89
C VAL A 320 0.78 -10.39 0.43
N LEU A 321 1.07 -11.37 1.26
CA LEU A 321 1.70 -11.06 2.48
C LEU A 321 2.99 -10.36 2.28
N THR A 322 3.81 -10.81 1.34
CA THR A 322 5.11 -10.14 1.15
C THR A 322 4.95 -8.70 0.83
N TRP A 323 3.99 -8.35 0.01
CA TRP A 323 3.79 -6.98 -0.35
C TRP A 323 3.29 -6.16 0.78
N GLN A 324 2.34 -6.76 1.49
CA GLN A 324 1.75 -6.10 2.66
C GLN A 324 2.72 -5.66 3.71
N ILE A 325 3.83 -6.37 3.87
CA ILE A 325 4.81 -5.98 4.83
C ILE A 325 5.18 -4.52 4.57
N GLY A 326 5.69 -4.17 3.38
CA GLY A 326 5.88 -2.78 3.14
C GLY A 326 4.68 -1.83 3.28
N VAL A 327 3.47 -2.20 2.91
CA VAL A 327 2.43 -1.21 3.08
C VAL A 327 2.25 -0.94 4.55
N LEU A 328 2.39 -1.98 5.35
CA LEU A 328 2.28 -1.84 6.76
C LEU A 328 3.30 -0.85 7.29
N GLU A 329 4.54 -0.91 6.81
CA GLU A 329 5.66 -0.08 7.22
C GLU A 329 5.32 1.39 6.94
N GLU A 330 5.04 1.64 5.67
CA GLU A 330 4.57 2.96 5.27
C GLU A 330 3.44 3.46 6.15
N ALA A 331 2.42 2.63 6.32
CA ALA A 331 1.32 3.02 7.17
C ALA A 331 1.79 3.37 8.56
N GLU A 332 2.79 2.67 9.08
CA GLU A 332 3.17 2.94 10.45
C GLU A 332 3.79 4.34 10.45
N ILE A 333 4.52 4.73 9.41
CA ILE A 333 5.03 6.07 9.39
C ILE A 333 4.03 7.20 9.38
N VAL A 334 2.98 7.04 8.61
CA VAL A 334 2.00 8.10 8.36
C VAL A 334 1.32 8.39 9.65
N ARG A 335 1.09 7.30 10.38
CA ARG A 335 0.49 7.32 11.69
C ARG A 335 1.30 8.12 12.68
N HIS A 336 2.50 8.49 12.34
CA HIS A 336 3.29 9.12 13.33
C HIS A 336 3.74 10.49 12.88
N SER A 337 3.10 10.99 11.85
CA SER A 337 3.40 12.36 11.45
C SER A 337 2.98 13.36 12.51
N VAL A 338 2.07 12.94 13.39
CA VAL A 338 1.42 13.97 14.18
C VAL A 338 2.33 14.38 15.32
N ARG A 339 2.74 13.46 16.21
CA ARG A 339 3.76 13.80 17.23
C ARG A 339 4.82 14.58 16.48
N MET A 340 5.18 14.03 15.32
CA MET A 340 6.23 14.59 14.53
C MET A 340 5.89 16.04 14.15
N ARG A 341 4.86 16.26 13.32
CA ARG A 341 4.50 17.63 12.95
C ARG A 341 4.51 18.56 14.16
N ALA A 342 3.95 18.09 15.28
CA ALA A 342 3.92 18.84 16.52
C ALA A 342 5.23 19.17 16.99
N ILE A 343 6.03 18.17 17.27
CA ILE A 343 7.35 18.45 17.78
C ILE A 343 8.05 19.36 16.82
N GLN A 344 7.84 19.11 15.51
CA GLN A 344 8.42 19.94 14.46
C GLN A 344 8.07 21.41 14.75
N ASN A 345 6.79 21.71 14.81
CA ASN A 345 6.39 23.06 15.19
C ASN A 345 6.95 23.57 16.56
N ARG A 346 6.60 22.94 17.67
CA ARG A 346 7.08 23.43 18.95
C ARG A 346 8.55 23.62 18.75
N LEU A 347 9.17 22.72 18.01
CA LEU A 347 10.60 22.81 17.91
C LEU A 347 11.02 24.08 17.24
N LEU A 348 10.49 24.27 16.03
CA LEU A 348 10.95 25.36 15.20
C LEU A 348 10.86 26.55 16.06
N HIS A 349 9.65 26.85 16.48
CA HIS A 349 9.45 28.06 17.24
C HIS A 349 10.18 28.05 18.58
N GLU A 350 10.10 26.98 19.38
CA GLU A 350 10.76 27.03 20.68
C GLU A 350 12.26 27.02 20.47
N LEU A 351 12.73 26.22 19.52
CA LEU A 351 14.19 25.98 19.42
C LEU A 351 15.00 26.99 18.64
N GLY A 352 14.43 27.53 17.59
CA GLY A 352 15.13 28.66 17.02
C GLY A 352 15.26 29.74 18.10
N ASP A 353 14.12 30.08 18.67
CA ASP A 353 13.97 31.29 19.45
C ASP A 353 14.74 31.34 20.78
N GLU A 354 15.26 30.22 21.27
CA GLU A 354 16.18 30.27 22.43
C GLU A 354 17.63 30.58 21.91
N GLN A 355 18.37 31.39 22.67
CA GLN A 355 19.63 31.98 22.21
C GLN A 355 20.84 31.03 22.19
N GLY A 356 20.53 29.74 22.31
CA GLY A 356 21.45 28.66 22.00
C GLY A 356 20.64 27.63 21.22
N LEU A 357 21.29 26.83 20.39
CA LEU A 357 20.56 25.75 19.80
C LEU A 357 20.64 24.73 20.92
N THR A 358 21.75 24.77 21.63
CA THR A 358 21.96 23.84 22.70
C THR A 358 20.73 24.01 23.67
N ALA A 359 20.58 25.24 24.13
CA ALA A 359 19.45 25.70 24.90
C ALA A 359 18.11 25.21 24.29
N GLY A 360 17.99 25.26 22.99
CA GLY A 360 16.71 24.91 22.43
C GLY A 360 16.28 23.48 22.68
N LEU A 361 17.28 22.64 22.48
CA LEU A 361 17.13 21.21 22.53
C LEU A 361 16.72 20.81 23.94
N SER A 362 17.41 21.51 24.86
CA SER A 362 17.20 21.39 26.28
C SER A 362 15.73 21.26 26.56
N ARG A 363 14.94 22.00 25.79
CA ARG A 363 13.54 22.15 26.09
C ARG A 363 12.66 21.07 25.46
N VAL A 364 12.78 20.97 24.17
CA VAL A 364 12.02 20.02 23.42
C VAL A 364 12.52 18.55 23.68
N SER A 365 13.57 18.48 24.51
CA SER A 365 14.25 17.21 24.77
C SER A 365 13.29 16.02 25.08
N GLU A 366 12.43 16.15 26.11
CA GLU A 366 11.72 14.94 26.54
C GLU A 366 10.76 14.45 25.45
N GLU A 367 10.06 15.39 24.83
CA GLU A 367 9.10 15.01 23.81
C GLU A 367 9.84 14.32 22.73
N MET A 368 11.00 14.88 22.44
CA MET A 368 11.85 14.34 21.39
C MET A 368 12.23 12.90 21.75
N LEU A 369 12.73 12.83 22.98
CA LEU A 369 13.13 11.59 23.54
C LEU A 369 11.96 10.64 23.53
N ALA A 370 10.80 11.20 23.89
CA ALA A 370 9.60 10.40 23.91
C ALA A 370 9.24 9.97 22.51
N LEU A 371 9.32 10.88 21.53
CA LEU A 371 9.00 10.47 20.17
C LEU A 371 10.06 9.48 19.81
N MET A 372 11.31 9.80 20.08
CA MET A 372 12.38 8.86 19.74
C MET A 372 12.42 7.50 20.41
N GLY A 373 11.81 7.46 21.58
CA GLY A 373 11.76 6.24 22.32
C GLY A 373 13.11 5.93 22.87
N ALA A 374 13.61 6.94 23.59
CA ALA A 374 15.01 6.96 23.92
C ALA A 374 15.29 7.62 25.27
N SER A 375 16.31 7.10 25.92
CA SER A 375 16.72 7.58 27.23
C SER A 375 17.70 8.77 27.14
N GLY A 376 18.23 9.02 25.95
CA GLY A 376 19.26 10.03 25.87
C GLY A 376 19.70 10.23 24.43
N PHE A 377 20.38 11.36 24.21
CA PHE A 377 20.81 11.74 22.86
C PHE A 377 21.78 12.83 23.02
N ALA A 378 22.69 12.96 22.05
CA ALA A 378 23.67 14.03 22.16
C ALA A 378 23.92 14.48 20.81
N LEU A 379 24.69 15.54 20.75
CA LEU A 379 25.02 16.13 19.53
C LEU A 379 26.48 16.40 19.64
N CYS A 380 27.31 15.42 19.37
CA CYS A 380 28.76 15.65 19.37
C CYS A 380 29.34 16.14 18.05
N SER A 381 30.21 17.12 18.16
CA SER A 381 30.99 17.52 16.99
C SER A 381 32.27 16.79 17.13
N PHE A 382 33.19 17.05 16.22
CA PHE A 382 34.54 16.66 16.52
C PHE A 382 35.06 17.55 17.66
N ASP A 383 34.47 18.75 17.85
CA ASP A 383 35.00 19.71 18.84
C ASP A 383 34.02 20.06 20.00
N GLY A 384 33.28 19.08 20.50
CA GLY A 384 32.37 19.33 21.59
C GLY A 384 31.29 18.29 21.59
N VAL A 385 30.41 18.39 22.57
CA VAL A 385 29.41 17.40 22.81
C VAL A 385 28.24 18.02 23.56
N ALA A 386 27.03 17.81 23.09
CA ALA A 386 25.90 18.35 23.83
C ALA A 386 24.97 17.24 24.20
N ALA A 387 24.92 16.95 25.48
CA ALA A 387 24.23 15.76 25.86
C ALA A 387 22.89 16.05 26.52
N PHE A 388 21.92 15.19 26.28
CA PHE A 388 20.58 15.38 26.76
C PHE A 388 20.07 14.03 27.16
N GLY A 389 19.39 14.03 28.28
CA GLY A 389 18.83 12.81 28.84
C GLY A 389 19.89 12.09 29.62
N ARG A 390 19.68 10.78 29.72
CA ARG A 390 20.67 9.87 30.23
C ARG A 390 21.66 9.44 29.13
N THR A 391 22.89 9.97 29.11
CA THR A 391 23.83 9.55 28.08
C THR A 391 25.11 9.02 28.66
N PRO A 392 25.98 8.48 27.84
CA PRO A 392 27.32 8.30 28.38
C PRO A 392 28.06 9.58 28.73
N SER A 393 29.17 9.35 29.40
CA SER A 393 30.07 10.40 29.79
C SER A 393 30.48 11.14 28.56
N ASP A 394 31.05 12.32 28.72
CA ASP A 394 31.45 13.00 27.51
C ASP A 394 32.59 12.20 26.91
N ASP A 395 33.55 11.76 27.72
CA ASP A 395 34.71 11.09 27.13
C ASP A 395 34.23 9.89 26.36
N GLU A 396 33.17 9.27 26.86
CA GLU A 396 32.84 8.06 26.21
C GLU A 396 32.12 8.30 24.87
N ILE A 397 31.23 9.27 24.81
CA ILE A 397 30.67 9.64 23.48
C ILE A 397 31.74 10.19 22.54
N GLN A 398 32.76 10.88 23.06
CA GLN A 398 33.77 11.46 22.17
C GLN A 398 34.49 10.34 21.49
N ALA A 399 34.71 9.27 22.22
CA ALA A 399 35.29 8.09 21.60
C ALA A 399 34.31 7.31 20.69
N LEU A 400 33.04 7.29 21.03
CA LEU A 400 32.10 6.60 20.17
C LEU A 400 32.20 7.21 18.80
N ALA A 401 32.30 8.51 18.82
CA ALA A 401 32.22 9.24 17.58
C ALA A 401 33.46 9.04 16.74
N SER A 402 34.64 8.97 17.37
CA SER A 402 35.81 8.53 16.59
C SER A 402 35.47 7.21 15.96
N TRP A 403 35.17 6.21 16.75
CA TRP A 403 34.94 4.93 16.15
C TRP A 403 33.98 5.05 15.05
N LEU A 404 32.94 5.85 15.26
CA LEU A 404 31.93 5.98 14.21
C LEU A 404 32.56 6.54 12.95
N SER A 405 33.54 7.44 13.10
CA SER A 405 34.28 7.96 11.97
C SER A 405 34.93 6.88 11.08
N HIS A 406 35.67 5.92 11.61
CA HIS A 406 36.25 4.86 10.75
C HIS A 406 35.23 3.97 10.07
N ARG A 407 33.99 3.92 10.55
CA ARG A 407 33.12 2.97 9.88
C ARG A 407 33.20 3.35 8.37
N GLU A 408 33.11 2.38 7.48
CA GLU A 408 32.93 2.74 6.09
C GLU A 408 31.40 2.80 5.82
N SER A 409 30.82 3.90 6.27
CA SER A 409 29.52 4.36 5.82
C SER A 409 29.35 5.79 6.33
N ARG A 410 28.43 6.53 5.75
CA ARG A 410 28.19 7.89 6.19
C ARG A 410 26.73 8.08 6.44
N GLY A 411 26.00 6.99 6.58
CA GLY A 411 24.57 7.14 6.74
C GLY A 411 24.22 6.87 8.16
N ILE A 412 22.92 6.75 8.41
CA ILE A 412 22.47 6.30 9.66
C ILE A 412 23.21 5.00 10.14
N PHE A 413 23.57 4.96 11.43
CA PHE A 413 24.03 3.73 12.06
C PHE A 413 23.12 3.38 13.18
N GLN A 414 22.91 2.08 13.33
CA GLN A 414 21.91 1.59 14.24
C GLN A 414 22.37 0.28 14.84
N THR A 415 22.19 0.16 16.16
CA THR A 415 22.49 -1.13 16.74
C THR A 415 21.64 -1.30 17.94
N GLN A 416 21.41 -2.54 18.35
CA GLN A 416 20.69 -2.73 19.63
C GLN A 416 21.73 -3.14 20.59
N GLN A 417 22.87 -3.51 20.07
CA GLN A 417 23.96 -3.89 20.92
C GLN A 417 25.20 -3.24 20.42
N LEU A 418 25.55 -2.16 21.04
CA LEU A 418 26.60 -1.37 20.52
C LEU A 418 27.85 -2.18 20.77
N SER A 419 27.88 -2.86 21.91
CA SER A 419 29.17 -3.37 22.35
C SER A 419 29.64 -4.52 21.50
N ALA A 420 28.70 -5.09 20.80
CA ALA A 420 29.04 -6.13 19.88
C ALA A 420 30.01 -5.63 18.80
N SER A 421 29.81 -4.42 18.26
CA SER A 421 30.76 -3.99 17.27
C SER A 421 31.79 -3.05 17.88
N PHE A 422 31.47 -2.47 19.04
CA PHE A 422 32.40 -1.50 19.68
C PHE A 422 32.57 -1.79 21.15
N PRO A 423 33.39 -2.77 21.38
CA PRO A 423 33.48 -3.46 22.65
C PRO A 423 33.92 -2.54 23.74
N GLU A 424 34.49 -1.43 23.36
CA GLU A 424 34.88 -0.55 24.43
C GLU A 424 33.58 0.10 25.06
N ALA A 425 32.45 -0.10 24.41
CA ALA A 425 31.25 0.46 24.97
C ALA A 425 30.65 -0.49 26.00
N GLU A 426 31.29 -1.59 26.30
CA GLU A 426 30.64 -2.48 27.25
C GLU A 426 30.27 -1.79 28.53
N VAL A 427 31.08 -0.81 28.89
CA VAL A 427 30.99 -0.17 30.17
C VAL A 427 29.64 0.50 30.35
N TYR A 428 29.29 1.36 29.39
CA TYR A 428 27.98 1.93 29.36
C TYR A 428 26.83 1.08 28.85
N SER A 429 27.01 -0.21 28.57
CA SER A 429 25.91 -1.11 28.18
C SER A 429 24.58 -0.84 28.88
N ASP A 430 24.60 -0.57 30.20
CA ASP A 430 23.41 -0.28 31.00
C ASP A 430 22.55 0.88 30.44
N ILE A 431 23.13 1.91 29.83
CA ILE A 431 22.35 3.05 29.43
C ILE A 431 22.27 3.31 27.90
N ALA A 432 23.18 2.67 27.17
CA ALA A 432 23.32 2.75 25.72
C ALA A 432 23.80 1.44 25.16
N SER A 433 22.88 0.54 24.92
CA SER A 433 23.21 -0.64 24.20
C SER A 433 22.73 -0.38 22.77
N GLY A 434 21.77 0.51 22.69
CA GLY A 434 21.20 0.84 21.43
C GLY A 434 21.63 2.26 21.16
N LEU A 435 22.04 2.48 19.95
CA LEU A 435 22.55 3.74 19.49
C LEU A 435 21.92 3.94 18.15
N LEU A 436 21.35 5.08 17.91
CA LEU A 436 20.96 5.36 16.53
C LEU A 436 21.81 6.55 16.11
N ALA A 437 22.82 6.34 15.26
CA ALA A 437 23.73 7.51 14.97
C ALA A 437 23.31 8.10 13.69
N VAL A 438 22.94 9.36 13.69
CA VAL A 438 22.61 10.01 12.43
C VAL A 438 23.40 11.32 12.19
N PRO A 439 24.13 11.41 11.08
CA PRO A 439 25.00 12.53 10.61
C PRO A 439 24.28 13.76 10.17
N LEU A 440 24.76 14.96 10.57
CA LEU A 440 24.16 16.22 10.10
C LEU A 440 24.52 16.37 8.65
N GLY A 441 25.81 16.46 8.37
CA GLY A 441 26.18 16.63 6.98
C GLY A 441 26.26 15.36 6.17
N ARG A 442 26.54 15.45 4.89
CA ARG A 442 27.31 14.41 4.24
C ARG A 442 28.76 14.33 4.85
N ALA A 443 29.40 15.44 5.12
CA ALA A 443 30.56 15.32 5.99
C ALA A 443 30.12 14.79 7.36
N SER A 444 30.53 13.61 7.71
CA SER A 444 30.08 13.14 8.99
C SER A 444 30.94 13.56 10.16
N THR A 445 31.02 14.85 10.38
CA THR A 445 31.93 15.39 11.39
C THR A 445 31.11 15.37 12.64
N THR A 446 29.86 15.72 12.47
CA THR A 446 29.14 16.08 13.65
C THR A 446 27.89 15.29 13.56
N LEU A 447 27.63 14.51 14.60
CA LEU A 447 26.43 13.71 14.53
C LEU A 447 25.55 13.77 15.69
N MET A 448 24.34 13.34 15.45
CA MET A 448 23.31 13.35 16.47
C MET A 448 23.12 11.91 16.84
N LEU A 449 23.39 11.57 18.07
CA LEU A 449 23.31 10.20 18.47
C LEU A 449 22.16 10.00 19.45
N TRP A 450 21.37 8.93 19.28
CA TRP A 450 20.31 8.57 20.25
C TRP A 450 20.61 7.32 21.02
N PHE A 451 20.50 7.42 22.33
CA PHE A 451 20.77 6.28 23.21
C PHE A 451 19.55 5.62 23.83
N ARG A 452 19.61 4.29 24.00
CA ARG A 452 18.61 3.40 24.59
C ARG A 452 19.35 2.39 25.38
N PRO A 453 18.79 1.92 26.49
CA PRO A 453 19.47 1.13 27.52
C PRO A 453 19.19 -0.34 27.36
N GLU A 454 20.07 -1.22 27.90
CA GLU A 454 19.92 -2.66 27.70
C GLU A 454 18.58 -2.95 28.28
N VAL A 455 17.99 -4.01 27.81
CA VAL A 455 16.70 -4.43 28.34
C VAL A 455 16.57 -5.96 28.55
N ALA A 456 15.94 -6.34 29.66
CA ALA A 456 15.80 -7.75 29.91
C ALA A 456 14.66 -8.27 29.04
N GLN A 457 14.84 -9.45 28.45
CA GLN A 457 13.88 -10.04 27.54
C GLN A 457 14.11 -11.50 27.63
N THR A 458 13.09 -12.35 27.59
CA THR A 458 13.46 -13.71 27.81
C THR A 458 12.91 -14.29 26.60
N VAL A 459 13.75 -15.02 25.90
CA VAL A 459 13.38 -15.61 24.64
C VAL A 459 13.55 -17.09 24.76
N THR A 460 12.75 -17.86 24.03
CA THR A 460 12.79 -19.31 24.08
C THR A 460 13.13 -20.00 22.74
N TRP A 461 13.79 -21.15 22.79
CA TRP A 461 14.33 -21.78 21.57
C TRP A 461 13.70 -23.15 21.19
N GLY A 462 14.04 -23.64 20.00
CA GLY A 462 13.57 -24.94 19.56
C GLY A 462 14.00 -25.96 20.55
N GLY A 463 15.29 -26.22 20.62
CA GLY A 463 15.79 -27.13 21.62
C GLY A 463 16.90 -26.33 22.25
N ASP A 464 17.84 -26.95 22.93
CA ASP A 464 19.01 -26.20 23.33
C ASP A 464 19.58 -25.69 22.03
N PRO A 465 19.81 -24.38 21.93
CA PRO A 465 20.43 -24.09 20.65
C PRO A 465 21.96 -24.35 20.63
N HIS A 466 22.54 -24.81 21.73
CA HIS A 466 23.96 -25.11 21.72
C HIS A 466 24.47 -26.49 21.28
N LYS A 467 23.58 -27.37 20.86
CA LYS A 467 24.06 -28.52 20.14
C LYS A 467 22.96 -28.77 19.07
N PRO A 468 23.03 -28.02 17.94
CA PRO A 468 21.97 -27.97 16.92
C PRO A 468 21.97 -29.18 15.95
N VAL A 469 22.74 -30.20 16.34
CA VAL A 469 22.96 -31.41 15.56
C VAL A 469 23.57 -32.45 16.49
N GLN A 470 23.80 -33.64 15.94
CA GLN A 470 24.60 -34.67 16.59
C GLN A 470 25.20 -35.60 15.52
N ILE A 471 26.23 -36.35 15.89
CA ILE A 471 26.94 -37.25 14.96
C ILE A 471 26.06 -38.48 14.64
N GLY A 472 25.73 -38.70 13.35
CA GLY A 472 24.99 -39.88 12.89
C GLY A 472 25.86 -41.12 12.65
N PRO A 473 25.22 -42.29 12.46
CA PRO A 473 26.06 -43.51 12.42
C PRO A 473 27.15 -43.40 11.35
N ARG A 474 28.36 -43.87 11.65
CA ARG A 474 29.53 -43.76 10.78
C ARG A 474 30.33 -42.43 10.83
N GLY A 475 30.10 -41.59 11.84
CA GLY A 475 30.92 -40.39 12.02
C GLY A 475 30.78 -39.27 10.99
N ARG A 476 29.59 -38.67 10.94
CA ARG A 476 29.34 -37.46 10.13
C ARG A 476 28.52 -36.40 10.91
N ARG A 477 28.26 -35.23 10.31
CA ARG A 477 27.56 -34.12 11.01
C ARG A 477 26.11 -33.77 10.51
N LEU A 478 25.29 -34.78 10.23
CA LEU A 478 23.95 -34.50 9.70
C LEU A 478 22.67 -34.88 10.51
N GLN A 479 22.80 -35.47 11.69
CA GLN A 479 21.61 -35.74 12.48
C GLN A 479 20.99 -34.48 13.11
N THR A 480 19.68 -34.36 12.92
CA THR A 480 18.89 -33.38 13.63
C THR A 480 18.84 -33.75 15.12
N ARG A 481 18.96 -32.76 15.98
CA ARG A 481 18.85 -33.00 17.42
C ARG A 481 17.54 -33.71 17.86
N ALA A 482 17.57 -34.43 18.97
CA ALA A 482 16.38 -35.21 19.37
C ALA A 482 15.12 -34.45 19.79
N SER A 483 15.20 -33.14 20.06
CA SER A 483 14.03 -32.49 20.64
C SER A 483 13.79 -30.99 20.44
N PHE A 484 12.53 -30.61 20.37
CA PHE A 484 12.15 -29.23 20.09
C PHE A 484 11.30 -28.62 21.20
N GLU A 485 11.62 -29.00 22.43
CA GLU A 485 10.88 -28.43 23.54
C GLU A 485 11.47 -27.09 23.90
N ALA A 486 10.66 -26.24 24.44
CA ALA A 486 11.09 -24.97 24.92
C ALA A 486 12.37 -25.02 25.70
N TRP A 487 13.36 -24.24 25.25
CA TRP A 487 14.59 -23.99 25.98
C TRP A 487 14.63 -22.55 26.15
N ARG A 488 14.78 -22.04 27.35
CA ARG A 488 14.75 -20.58 27.55
C ARG A 488 16.05 -20.01 28.07
N GLU A 489 16.25 -18.73 27.78
CA GLU A 489 17.52 -18.03 27.88
C GLU A 489 17.19 -16.59 28.26
N GLU A 490 17.90 -16.03 29.21
CA GLU A 490 17.69 -14.64 29.57
C GLU A 490 18.70 -13.73 28.91
N VAL A 491 18.21 -12.76 28.20
CA VAL A 491 19.12 -11.94 27.50
C VAL A 491 19.02 -10.48 27.92
N ARG A 492 20.12 -10.00 28.52
CA ARG A 492 20.11 -8.69 29.18
C ARG A 492 20.86 -7.58 28.58
N ASP A 493 21.49 -7.77 27.41
CA ASP A 493 22.53 -6.81 26.95
C ASP A 493 22.33 -6.07 25.67
N ARG A 494 21.12 -6.15 25.17
CA ARG A 494 20.71 -5.68 23.90
C ARG A 494 19.47 -4.84 24.19
N SER A 495 19.31 -3.75 23.46
CA SER A 495 18.25 -2.78 23.72
C SER A 495 17.02 -3.04 22.90
N ARG A 496 16.07 -2.10 22.94
CA ARG A 496 14.88 -2.28 22.14
C ARG A 496 15.25 -2.04 20.75
N PRO A 497 14.67 -2.83 19.84
CA PRO A 497 14.79 -2.79 18.38
C PRO A 497 14.60 -1.41 17.90
N TRP A 498 15.38 -0.97 16.89
CA TRP A 498 15.20 0.40 16.37
C TRP A 498 14.12 0.30 15.31
N ARG A 499 12.97 0.98 15.49
CA ARG A 499 11.94 0.89 14.44
C ARG A 499 12.03 1.92 13.23
N SER A 500 11.71 1.41 12.02
CA SER A 500 11.79 2.16 10.73
C SER A 500 11.22 3.57 10.89
N HIS A 501 10.16 3.68 11.64
CA HIS A 501 9.58 4.97 11.69
C HIS A 501 10.40 5.83 12.61
N GLU A 502 11.16 5.22 13.50
CA GLU A 502 11.83 6.04 14.51
C GLU A 502 13.05 6.76 13.95
N ILE A 503 13.76 5.93 13.20
CA ILE A 503 14.73 6.43 12.27
C ILE A 503 14.18 7.65 11.48
N VAL A 504 12.95 7.56 10.96
CA VAL A 504 12.48 8.69 10.20
C VAL A 504 12.39 9.91 11.10
N ALA A 505 11.78 9.83 12.25
CA ALA A 505 11.74 11.12 12.99
C ALA A 505 13.10 11.64 13.38
N ALA A 506 14.06 10.73 13.53
CA ALA A 506 15.46 11.13 13.71
C ALA A 506 15.97 11.98 12.51
N GLU A 507 15.71 11.44 11.33
CA GLU A 507 16.14 12.12 10.13
C GLU A 507 15.48 13.49 10.10
N GLU A 508 14.22 13.50 10.50
CA GLU A 508 13.47 14.75 10.43
C GLU A 508 13.98 15.74 11.42
N ILE A 509 14.36 15.25 12.60
CA ILE A 509 14.83 16.11 13.68
C ILE A 509 16.14 16.71 13.21
N ARG A 510 16.96 15.84 12.65
CA ARG A 510 18.23 16.23 12.12
C ARG A 510 17.97 17.37 11.22
N ASP A 511 16.98 17.19 10.30
CA ASP A 511 16.76 18.22 9.28
C ASP A 511 16.51 19.57 9.97
N LEU A 512 15.82 19.57 11.10
CA LEU A 512 15.48 20.84 11.78
C LEU A 512 16.70 21.42 12.41
N VAL A 513 17.56 20.57 12.97
CA VAL A 513 18.73 21.08 13.66
C VAL A 513 19.58 21.79 12.65
N VAL A 514 19.61 21.15 11.51
CA VAL A 514 20.36 21.71 10.44
C VAL A 514 19.98 23.17 10.10
N ASP A 515 18.69 23.44 9.84
CA ASP A 515 18.24 24.77 9.50
C ASP A 515 18.61 25.76 10.54
N VAL A 516 18.43 25.37 11.79
CA VAL A 516 18.79 26.32 12.80
C VAL A 516 20.23 26.61 12.53
N ILE A 517 21.08 25.59 12.47
CA ILE A 517 22.53 25.77 12.50
C ILE A 517 22.96 26.55 11.32
N LEU A 518 22.35 26.22 10.19
CA LEU A 518 22.61 26.94 8.99
C LEU A 518 22.15 28.32 9.15
N GLY A 519 20.89 28.48 9.52
CA GLY A 519 20.33 29.81 9.71
C GLY A 519 21.19 30.76 10.51
N ARG A 520 22.07 30.18 11.31
CA ARG A 520 22.72 30.90 12.34
C ARG A 520 24.17 31.03 12.05
N ALA A 521 24.58 30.67 10.83
CA ALA A 521 25.94 31.05 10.46
C ALA A 521 26.01 32.55 10.67
N LEU A 522 26.69 32.96 11.74
CA LEU A 522 26.90 34.37 12.19
C LEU A 522 26.30 34.73 13.57
N LEU B 25 -24.62 29.72 -16.44
CA LEU B 25 -23.60 28.71 -16.25
C LEU B 25 -22.27 29.39 -16.06
N THR B 26 -21.65 29.76 -17.17
CA THR B 26 -20.36 30.41 -17.12
C THR B 26 -20.39 31.77 -16.40
N GLU B 27 -21.57 32.33 -16.20
CA GLU B 27 -21.59 33.53 -15.39
C GLU B 27 -21.17 33.25 -13.95
N CYS B 28 -21.59 32.11 -13.43
CA CYS B 28 -21.15 31.67 -12.13
C CYS B 28 -19.63 31.61 -12.02
N ASP B 29 -18.98 31.14 -13.08
CA ASP B 29 -17.51 31.05 -13.13
C ASP B 29 -16.75 32.36 -13.01
N ARG B 30 -17.42 33.46 -13.36
CA ARG B 30 -16.76 34.73 -13.63
C ARG B 30 -16.49 35.65 -12.47
N GLU B 31 -16.99 35.35 -11.28
CA GLU B 31 -16.73 36.20 -10.09
C GLU B 31 -15.27 36.25 -9.54
N PRO B 32 -14.79 37.41 -9.04
CA PRO B 32 -13.48 37.31 -8.40
C PRO B 32 -13.68 36.93 -6.95
N ILE B 33 -13.34 35.70 -6.59
CA ILE B 33 -13.63 35.28 -5.24
C ILE B 33 -12.37 35.55 -4.45
N HIS B 34 -11.29 35.82 -5.18
CA HIS B 34 -9.98 35.95 -4.56
C HIS B 34 -9.62 37.39 -4.15
N ILE B 35 -10.43 38.39 -4.47
CA ILE B 35 -9.97 39.76 -4.17
C ILE B 35 -10.87 40.66 -3.28
N PRO B 36 -11.78 40.05 -2.50
CA PRO B 36 -12.93 40.82 -1.99
C PRO B 36 -12.62 42.06 -1.17
N GLY B 37 -11.37 42.33 -0.85
CA GLY B 37 -11.08 43.38 0.10
C GLY B 37 -11.69 43.20 1.49
N ALA B 38 -12.14 41.99 1.81
CA ALA B 38 -12.73 41.78 3.12
C ALA B 38 -12.38 40.39 3.76
N ILE B 39 -12.73 40.22 5.03
CA ILE B 39 -12.45 39.04 5.84
C ILE B 39 -13.58 38.63 6.78
N GLN B 40 -13.28 37.71 7.71
CA GLN B 40 -14.21 37.22 8.67
C GLN B 40 -13.74 37.56 10.09
N PRO B 41 -14.51 38.37 10.76
CA PRO B 41 -14.23 39.02 12.04
C PRO B 41 -13.98 38.08 13.16
N HIS B 42 -13.93 36.79 12.93
CA HIS B 42 -13.68 35.95 14.07
C HIS B 42 -12.17 36.01 14.20
N GLY B 43 -11.54 36.65 13.22
CA GLY B 43 -10.12 36.92 13.21
C GLY B 43 -9.68 38.29 12.68
N TYR B 44 -8.38 38.58 12.91
CA TYR B 44 -7.70 39.81 12.54
C TYR B 44 -6.55 39.59 11.58
N LEU B 45 -6.60 40.27 10.45
CA LEU B 45 -5.52 40.24 9.46
C LEU B 45 -4.48 41.45 9.56
N PHE B 46 -3.30 41.33 8.92
CA PHE B 46 -2.31 42.44 8.64
C PHE B 46 -1.51 42.14 7.37
N VAL B 47 -1.17 43.15 6.58
CA VAL B 47 -0.24 42.98 5.44
C VAL B 47 1.03 43.68 5.81
N VAL B 48 2.17 43.16 5.37
CA VAL B 48 3.44 43.78 5.77
C VAL B 48 4.53 43.88 4.69
N SER B 49 5.12 45.08 4.58
CA SER B 49 6.46 45.17 4.04
C SER B 49 7.36 44.73 5.15
N GLU B 50 8.27 43.84 4.81
CA GLU B 50 8.89 42.97 5.80
C GLU B 50 10.10 43.68 6.44
N THR B 51 10.74 44.59 5.71
CA THR B 51 12.11 44.94 6.06
C THR B 51 12.23 45.24 7.56
N ASP B 52 11.33 46.09 8.07
CA ASP B 52 11.19 46.24 9.52
C ASP B 52 9.82 45.68 9.96
N LEU B 53 9.15 44.97 9.06
CA LEU B 53 7.81 44.40 9.31
C LEU B 53 6.73 45.45 9.51
N ARG B 54 6.65 46.41 8.62
CA ARG B 54 5.75 47.54 8.79
C ARG B 54 4.36 47.23 8.26
N ILE B 55 3.34 47.56 9.04
CA ILE B 55 1.94 47.28 8.71
C ILE B 55 1.57 48.03 7.47
N ALA B 56 1.36 47.36 6.35
CA ALA B 56 1.17 48.07 5.11
C ALA B 56 -0.28 48.15 4.77
N SER B 57 -1.05 47.43 5.57
CA SER B 57 -2.49 47.24 5.40
C SER B 57 -3.04 46.39 6.55
N VAL B 58 -4.22 46.73 7.02
CA VAL B 58 -4.70 46.09 8.21
C VAL B 58 -6.19 46.03 8.01
N SER B 59 -6.89 45.35 8.91
CA SER B 59 -8.31 45.17 8.79
C SER B 59 -9.03 45.99 9.80
N ALA B 60 -10.23 46.39 9.42
CA ALA B 60 -11.11 47.20 10.21
C ALA B 60 -11.23 46.71 11.63
N ASN B 61 -11.40 45.41 11.77
CA ASN B 61 -11.80 44.83 13.05
C ASN B 61 -10.78 45.00 14.17
N VAL B 62 -9.57 45.35 13.79
CA VAL B 62 -8.52 45.67 14.72
C VAL B 62 -8.94 46.64 15.87
N GLU B 63 -9.84 47.59 15.61
CA GLU B 63 -10.09 48.60 16.65
C GLU B 63 -10.69 48.02 17.92
N ASP B 64 -11.51 46.99 17.81
CA ASP B 64 -12.01 46.42 19.05
C ASP B 64 -10.83 45.80 19.79
N LEU B 65 -9.73 45.50 19.10
CA LEU B 65 -8.68 44.83 19.81
C LEU B 65 -7.60 45.71 20.46
N LEU B 66 -7.22 46.81 19.83
CA LEU B 66 -6.22 47.69 20.48
C LEU B 66 -6.79 49.09 20.88
N ARG B 67 -8.05 49.34 20.50
CA ARG B 67 -8.83 50.53 20.81
C ARG B 67 -8.29 51.84 20.17
N GLN B 68 -7.54 51.68 19.08
CA GLN B 68 -7.02 52.83 18.36
C GLN B 68 -7.62 52.91 16.94
N PRO B 69 -7.44 54.07 16.27
CA PRO B 69 -7.85 54.34 14.89
C PRO B 69 -7.27 53.36 13.89
N PRO B 70 -7.61 53.52 12.60
CA PRO B 70 -7.29 52.44 11.65
C PRO B 70 -6.15 52.67 10.63
N ALA B 71 -6.25 53.69 9.78
CA ALA B 71 -5.21 53.98 8.77
C ALA B 71 -4.01 54.60 9.45
N SER B 72 -4.20 54.98 10.71
CA SER B 72 -3.15 55.54 11.52
C SER B 72 -2.04 54.53 11.69
N LEU B 73 -2.42 53.28 11.65
CA LEU B 73 -1.50 52.29 12.06
C LEU B 73 -0.68 51.79 10.90
N LEU B 74 -1.01 52.24 9.70
CA LEU B 74 -0.20 51.88 8.54
C LEU B 74 1.28 52.29 8.74
N ASN B 75 2.19 51.65 8.00
CA ASN B 75 3.65 51.89 8.10
C ASN B 75 4.15 52.02 9.54
N VAL B 76 3.73 51.08 10.39
CA VAL B 76 4.13 51.04 11.79
C VAL B 76 4.79 49.66 11.99
N PRO B 77 5.92 49.60 12.70
CA PRO B 77 6.58 48.33 13.03
C PRO B 77 5.65 47.42 13.84
N ILE B 78 5.32 46.24 13.34
CA ILE B 78 4.39 45.45 14.11
C ILE B 78 4.83 45.24 15.55
N ALA B 79 6.12 45.06 15.73
CA ALA B 79 6.64 44.54 16.98
C ALA B 79 6.20 45.15 18.32
N HIS B 80 5.96 46.47 18.40
CA HIS B 80 5.57 47.01 19.70
C HIS B 80 4.19 46.58 20.07
N TYR B 81 3.60 45.76 19.21
CA TYR B 81 2.25 45.25 19.41
C TYR B 81 2.30 43.94 20.07
N LEU B 82 3.50 43.42 20.08
CA LEU B 82 3.63 42.04 20.39
C LEU B 82 4.41 42.04 21.66
N THR B 83 4.07 41.15 22.60
CA THR B 83 4.94 40.99 23.74
C THR B 83 6.31 40.64 23.23
N ALA B 84 7.31 41.01 24.00
CA ALA B 84 8.69 40.83 23.60
C ALA B 84 8.90 39.41 23.13
N ALA B 85 8.42 38.49 23.93
CA ALA B 85 8.64 37.11 23.64
C ALA B 85 8.06 36.82 22.26
N SER B 86 6.86 37.30 22.06
CA SER B 86 6.15 37.03 20.84
C SER B 86 6.82 37.56 19.57
N ALA B 87 7.10 38.86 19.60
CA ALA B 87 7.63 39.60 18.45
C ALA B 87 8.85 38.97 17.84
N ALA B 88 9.72 38.48 18.72
CA ALA B 88 10.91 37.81 18.26
C ALA B 88 10.53 36.55 17.48
N ARG B 89 9.56 35.80 18.00
CA ARG B 89 9.11 34.58 17.35
C ARG B 89 8.54 34.85 15.98
N LEU B 90 7.89 35.99 15.88
CA LEU B 90 7.36 36.30 14.60
C LEU B 90 8.51 36.44 13.59
N THR B 91 9.38 37.43 13.83
CA THR B 91 10.55 37.66 12.98
C THR B 91 11.27 36.36 12.62
N HIS B 92 11.62 35.55 13.62
CA HIS B 92 12.30 34.32 13.25
C HIS B 92 11.40 33.54 12.31
N ALA B 93 10.13 33.35 12.63
CA ALA B 93 9.35 32.40 11.83
C ALA B 93 9.39 32.76 10.36
N LEU B 94 9.48 34.05 10.11
CA LEU B 94 9.56 34.51 8.74
C LEU B 94 10.73 33.95 7.90
N HIS B 95 11.94 34.12 8.42
CA HIS B 95 13.04 33.39 7.84
C HIS B 95 13.28 32.10 8.68
N GLY B 96 12.38 31.79 9.61
CA GLY B 96 12.48 30.59 10.43
C GLY B 96 12.44 29.44 9.47
N GLY B 97 11.33 29.45 8.74
CA GLY B 97 11.23 28.87 7.43
C GLY B 97 11.20 27.38 7.23
N ASP B 98 12.06 26.61 7.91
CA ASP B 98 12.07 25.16 7.69
C ASP B 98 10.98 24.41 8.42
N PRO B 99 10.12 23.69 7.66
CA PRO B 99 10.05 23.86 6.20
C PRO B 99 8.75 24.61 5.78
N ALA B 100 8.71 25.96 5.83
CA ALA B 100 7.45 26.70 5.81
C ALA B 100 6.30 25.79 6.37
N ALA B 101 6.61 25.21 7.54
CA ALA B 101 5.70 24.45 8.40
C ALA B 101 5.85 25.17 9.76
N ILE B 102 5.64 26.49 9.72
CA ILE B 102 5.83 27.40 10.83
C ILE B 102 4.50 27.65 11.52
N ASN B 103 3.41 27.42 10.79
CA ASN B 103 2.07 27.61 11.29
C ASN B 103 1.56 26.52 12.18
N PRO B 104 0.90 26.92 13.27
CA PRO B 104 0.57 28.29 13.70
C PRO B 104 1.61 28.91 14.61
N ILE B 105 1.64 30.22 14.69
CA ILE B 105 2.63 30.79 15.55
C ILE B 105 1.91 31.39 16.70
N ARG B 106 2.30 30.96 17.90
CA ARG B 106 1.62 31.45 19.11
C ARG B 106 2.06 32.87 19.44
N LEU B 107 1.17 33.85 19.31
CA LEU B 107 1.51 35.23 19.60
C LEU B 107 0.80 35.72 20.84
N ASP B 108 1.34 36.74 21.48
CA ASP B 108 0.62 37.53 22.51
C ASP B 108 0.65 39.01 22.15
N VAL B 109 -0.56 39.56 21.97
CA VAL B 109 -0.75 40.96 21.64
C VAL B 109 -0.79 41.84 22.89
N VAL B 110 0.11 42.87 22.94
CA VAL B 110 0.07 43.94 23.97
C VAL B 110 -1.05 44.87 23.65
N THR B 111 -1.80 45.18 24.70
CA THR B 111 -3.12 45.78 24.65
C THR B 111 -3.49 46.66 25.90
N PRO B 112 -4.61 47.42 25.85
CA PRO B 112 -5.26 48.12 26.97
C PRO B 112 -5.89 47.25 28.08
N ASP B 113 -6.41 46.08 27.74
CA ASP B 113 -6.99 45.21 28.77
C ASP B 113 -5.99 44.52 29.74
N GLY B 114 -4.92 43.90 29.21
CA GLY B 114 -4.11 42.95 29.97
C GLY B 114 -3.80 41.71 29.13
N GLU B 115 -3.21 40.67 29.72
CA GLU B 115 -2.82 39.46 28.98
C GLU B 115 -3.89 38.65 28.19
N ARG B 116 -3.81 38.72 26.86
CA ARG B 116 -4.65 37.88 26.00
C ARG B 116 -4.04 37.54 24.64
N ALA B 117 -4.07 36.24 24.32
CA ALA B 117 -3.28 35.66 23.23
C ALA B 117 -3.96 34.92 22.02
N PHE B 118 -3.15 34.60 21.02
CA PHE B 118 -3.55 34.09 19.71
C PHE B 118 -2.78 32.94 19.09
N ASN B 119 -3.39 32.34 18.08
CA ASN B 119 -2.68 31.55 17.11
C ASN B 119 -2.45 32.48 15.90
N GLY B 120 -1.25 32.48 15.32
CA GLY B 120 -0.93 33.34 14.17
C GLY B 120 -0.68 32.60 12.86
N ILE B 121 -1.26 33.09 11.77
CA ILE B 121 -1.17 32.35 10.52
C ILE B 121 -0.70 33.23 9.40
N LEU B 122 0.56 32.97 9.12
CA LEU B 122 1.39 33.81 8.29
C LEU B 122 1.67 33.19 6.96
N HIS B 123 1.73 33.98 5.89
CA HIS B 123 2.07 33.48 4.53
C HIS B 123 2.51 34.55 3.52
N ARG B 124 3.12 34.09 2.44
CA ARG B 124 3.57 35.08 1.47
C ARG B 124 3.02 34.66 0.14
N HIS B 125 2.62 35.68 -0.61
CA HIS B 125 1.97 35.52 -1.88
C HIS B 125 1.96 36.85 -2.56
N ASP B 126 2.25 36.80 -3.85
CA ASP B 126 2.29 37.97 -4.70
C ASP B 126 3.10 39.11 -4.09
N SER B 127 4.30 38.80 -3.62
CA SER B 127 5.25 39.79 -3.10
C SER B 127 4.79 40.61 -1.89
N ILE B 128 3.60 40.34 -1.38
CA ILE B 128 3.22 40.90 -0.10
C ILE B 128 3.24 39.74 0.92
N VAL B 129 3.17 40.12 2.18
CA VAL B 129 3.17 39.16 3.28
C VAL B 129 2.01 39.45 4.20
N ILE B 130 1.28 38.37 4.57
CA ILE B 130 0.02 38.44 5.34
C ILE B 130 0.11 37.73 6.69
N LEU B 131 -0.50 38.26 7.73
CA LEU B 131 -0.49 37.62 9.01
C LEU B 131 -1.85 37.64 9.54
N GLU B 132 -2.40 36.48 9.93
CA GLU B 132 -3.73 36.49 10.49
C GLU B 132 -3.78 35.95 11.90
N LEU B 133 -4.70 36.47 12.68
CA LEU B 133 -4.83 36.15 14.08
C LEU B 133 -6.12 35.41 14.29
N GLU B 134 -6.04 34.33 15.03
CA GLU B 134 -7.13 33.41 15.25
C GLU B 134 -7.02 32.96 16.71
N PRO B 135 -8.09 32.45 17.28
CA PRO B 135 -8.20 31.91 18.65
C PRO B 135 -7.50 30.56 18.96
N ARG B 136 -6.80 30.47 20.10
CA ARG B 136 -6.22 29.20 20.60
C ARG B 136 -7.21 28.19 21.28
N TYR B 141 -3.45 21.18 22.58
CA TYR B 141 -4.01 19.81 22.57
C TYR B 141 -2.99 18.70 22.89
N THR B 142 -3.58 17.68 23.49
CA THR B 142 -2.88 16.89 24.47
C THR B 142 -2.38 15.57 23.92
N ASN B 143 -1.77 14.78 24.79
CA ASN B 143 -1.35 13.48 24.37
C ASN B 143 -2.58 12.74 24.03
N GLU B 144 -3.72 12.99 24.68
CA GLU B 144 -4.92 12.19 24.34
C GLU B 144 -5.33 12.47 22.91
N PHE B 145 -4.98 13.65 22.48
CA PHE B 145 -5.44 14.08 21.18
C PHE B 145 -4.77 13.34 20.02
N PHE B 146 -3.45 13.36 19.98
CA PHE B 146 -2.70 12.66 18.98
C PHE B 146 -3.23 11.26 18.79
N ARG B 147 -3.50 10.60 19.93
CA ARG B 147 -3.95 9.22 19.89
C ARG B 147 -5.27 9.15 19.17
N SER B 148 -6.06 10.19 19.29
CA SER B 148 -7.38 10.11 18.71
C SER B 148 -7.14 10.11 17.24
N VAL B 149 -6.23 10.96 16.80
CA VAL B 149 -5.99 11.04 15.38
C VAL B 149 -5.25 9.83 14.82
N ARG B 150 -4.28 9.32 15.57
CA ARG B 150 -3.55 8.15 15.16
C ARG B 150 -4.61 7.11 14.84
N VAL B 151 -5.50 6.83 15.78
CA VAL B 151 -6.48 5.77 15.55
C VAL B 151 -7.42 6.13 14.41
N ALA B 152 -7.60 7.41 14.18
CA ALA B 152 -8.41 7.76 13.04
C ALA B 152 -7.75 7.14 11.82
N ILE B 153 -6.47 7.45 11.70
CA ILE B 153 -5.73 7.09 10.56
C ILE B 153 -5.60 5.60 10.37
N ARG B 154 -5.30 4.89 11.44
CA ARG B 154 -5.29 3.46 11.38
C ARG B 154 -6.58 2.94 10.78
N ARG B 155 -7.70 3.41 11.22
CA ARG B 155 -8.93 2.78 10.79
C ARG B 155 -9.01 2.98 9.28
N LEU B 156 -8.67 4.16 8.88
CA LEU B 156 -8.81 4.56 7.53
C LEU B 156 -7.95 3.70 6.62
N GLN B 157 -6.80 3.38 7.16
CA GLN B 157 -5.82 2.71 6.39
C GLN B 157 -6.20 1.25 6.26
N THR B 158 -6.86 0.75 7.28
CA THR B 158 -7.34 -0.64 7.27
C THR B 158 -8.73 -0.79 6.70
N ALA B 159 -9.29 0.26 6.15
CA ALA B 159 -10.56 0.14 5.47
C ALA B 159 -10.52 -0.84 4.30
N ALA B 160 -11.59 -1.60 4.19
CA ALA B 160 -11.70 -2.68 3.21
C ALA B 160 -11.93 -2.19 1.84
N ASP B 161 -12.68 -1.09 1.72
CA ASP B 161 -12.97 -0.49 0.41
C ASP B 161 -13.12 1.06 0.43
N LEU B 162 -13.32 1.62 -0.73
CA LEU B 162 -13.48 3.05 -0.86
C LEU B 162 -14.72 3.65 -0.18
N PRO B 163 -15.89 3.00 -0.33
CA PRO B 163 -17.04 3.53 0.37
C PRO B 163 -16.79 3.50 1.87
N THR B 164 -16.10 2.47 2.30
CA THR B 164 -15.86 2.38 3.69
C THR B 164 -14.77 3.35 4.14
N ALA B 165 -13.75 3.53 3.32
CA ALA B 165 -12.78 4.47 3.69
C ALA B 165 -13.41 5.88 3.81
N CYS B 166 -14.32 6.21 2.93
CA CYS B 166 -14.87 7.50 2.97
C CYS B 166 -15.62 7.70 4.21
N TRP B 167 -16.35 6.70 4.63
CA TRP B 167 -17.15 6.82 5.85
C TRP B 167 -16.29 7.01 7.11
N ILE B 168 -15.22 6.26 7.24
CA ILE B 168 -14.32 6.36 8.34
C ILE B 168 -13.80 7.75 8.29
N ALA B 169 -13.50 8.20 7.10
CA ALA B 169 -13.06 9.56 7.05
C ALA B 169 -14.13 10.51 7.54
N ALA B 170 -15.37 10.37 7.09
CA ALA B 170 -16.37 11.26 7.61
C ALA B 170 -16.54 11.29 9.14
N SER B 171 -16.57 10.14 9.75
CA SER B 171 -16.86 10.12 11.15
C SER B 171 -15.69 10.49 11.92
N GLU B 172 -14.50 10.18 11.45
CA GLU B 172 -13.36 10.58 12.28
C GLU B 172 -13.29 12.07 12.20
N VAL B 173 -13.48 12.63 11.01
CA VAL B 173 -13.69 14.05 10.99
C VAL B 173 -14.72 14.40 12.03
N ARG B 174 -15.92 13.84 11.94
CA ARG B 174 -16.99 14.27 12.82
C ARG B 174 -16.55 14.22 14.24
N ARG B 175 -16.00 13.11 14.64
CA ARG B 175 -15.53 12.93 15.98
C ARG B 175 -14.67 14.03 16.49
N ILE B 176 -13.74 14.50 15.68
CA ILE B 176 -12.80 15.48 16.20
C ILE B 176 -13.12 16.94 15.93
N THR B 177 -14.09 17.18 15.07
CA THR B 177 -14.54 18.52 14.83
C THR B 177 -15.87 18.79 15.42
N GLY B 178 -16.55 17.78 15.95
CA GLY B 178 -17.71 18.11 16.74
C GLY B 178 -18.86 18.66 15.92
N PHE B 179 -18.69 18.74 14.60
CA PHE B 179 -19.72 19.16 13.68
C PHE B 179 -20.88 18.23 13.51
N ASP B 180 -21.98 18.81 13.04
CA ASP B 180 -23.22 18.03 13.08
C ASP B 180 -23.28 17.05 11.89
N ARG B 181 -22.68 17.46 10.79
CA ARG B 181 -22.62 16.63 9.60
C ARG B 181 -21.34 16.74 8.74
N ILE B 182 -20.73 15.60 8.44
CA ILE B 182 -19.56 15.55 7.56
C ILE B 182 -19.93 14.86 6.28
N LYS B 183 -19.59 15.39 5.14
CA LYS B 183 -19.87 14.67 3.92
C LYS B 183 -18.62 14.53 3.10
N VAL B 184 -18.46 13.42 2.45
CA VAL B 184 -17.43 13.25 1.48
C VAL B 184 -18.11 13.38 0.16
N TYR B 185 -17.72 14.38 -0.61
CA TYR B 185 -18.34 14.68 -1.86
C TYR B 185 -17.27 14.51 -2.87
N GLN B 186 -17.59 13.76 -3.91
CA GLN B 186 -16.64 13.37 -4.94
C GLN B 186 -17.05 13.79 -6.31
N PHE B 187 -16.18 14.47 -7.05
CA PHE B 187 -16.56 14.97 -8.37
C PHE B 187 -16.72 13.95 -9.52
N ALA B 188 -17.69 14.20 -10.42
CA ALA B 188 -17.84 13.32 -11.55
C ALA B 188 -17.26 14.01 -12.70
N ALA B 189 -17.05 13.30 -13.79
CA ALA B 189 -16.24 13.92 -14.88
C ALA B 189 -16.69 15.32 -15.31
N ASP B 190 -17.99 15.56 -15.15
CA ASP B 190 -18.63 16.76 -15.59
C ASP B 190 -18.57 17.84 -14.52
N TRP B 191 -17.88 17.56 -13.44
CA TRP B 191 -17.79 18.52 -12.32
C TRP B 191 -19.07 18.72 -11.58
N SER B 192 -20.06 17.91 -11.91
CA SER B 192 -21.15 17.62 -11.00
C SER B 192 -20.56 16.65 -9.96
N GLY B 193 -21.17 16.60 -8.78
CA GLY B 193 -20.69 15.67 -7.76
C GLY B 193 -21.75 14.76 -7.21
N GLN B 194 -21.34 14.07 -6.16
CA GLN B 194 -22.25 13.19 -5.48
C GLN B 194 -21.79 13.01 -4.07
N VAL B 195 -22.71 13.06 -3.12
CA VAL B 195 -22.25 12.84 -1.79
C VAL B 195 -22.13 11.33 -1.65
N ILE B 196 -20.92 10.81 -1.54
CA ILE B 196 -20.73 9.37 -1.39
C ILE B 196 -20.47 8.90 0.05
N ALA B 197 -20.39 9.75 1.05
CA ALA B 197 -20.41 9.26 2.41
C ALA B 197 -20.82 10.36 3.37
N GLU B 198 -21.49 10.04 4.47
CA GLU B 198 -21.98 11.09 5.35
C GLU B 198 -21.88 10.56 6.74
N ASP B 199 -21.78 11.38 7.76
CA ASP B 199 -22.01 10.88 9.09
C ASP B 199 -22.59 12.05 9.81
N ARG B 200 -23.66 11.80 10.55
CA ARG B 200 -24.37 12.85 11.21
C ARG B 200 -24.71 12.37 12.64
N ASP B 201 -24.81 13.31 13.60
CA ASP B 201 -25.28 13.06 14.99
C ASP B 201 -26.72 12.68 14.89
N SER B 202 -27.24 11.94 15.87
CA SER B 202 -28.65 11.54 15.86
C SER B 202 -29.46 12.81 15.85
N GLY B 203 -30.50 12.84 14.99
CA GLY B 203 -31.34 14.00 14.77
C GLY B 203 -30.74 15.12 13.92
N ILE B 204 -30.08 14.75 12.83
CA ILE B 204 -29.59 15.73 11.83
C ILE B 204 -29.91 15.22 10.40
N PRO B 205 -30.36 16.09 9.46
CA PRO B 205 -30.81 15.61 8.13
C PRO B 205 -29.71 15.10 7.22
N SER B 206 -30.08 14.37 6.18
CA SER B 206 -29.12 13.68 5.35
C SER B 206 -29.12 13.97 3.90
N LEU B 207 -27.91 14.09 3.34
CA LEU B 207 -27.79 14.21 1.92
C LEU B 207 -27.14 13.00 1.30
N LEU B 208 -27.25 11.84 1.93
CA LEU B 208 -26.38 10.72 1.58
C LEU B 208 -26.32 10.12 0.18
N ASP B 209 -27.11 10.46 -0.79
CA ASP B 209 -26.61 9.97 -2.09
C ASP B 209 -26.67 10.99 -3.13
N PHE B 210 -26.95 12.20 -2.69
CA PHE B 210 -27.36 13.30 -3.52
C PHE B 210 -26.34 13.75 -4.53
N HIS B 211 -26.82 13.95 -5.73
CA HIS B 211 -26.01 14.65 -6.68
C HIS B 211 -26.35 16.17 -6.64
N PHE B 212 -25.42 16.97 -7.13
CA PHE B 212 -25.53 18.40 -7.22
C PHE B 212 -24.80 18.76 -8.50
N PRO B 213 -25.17 19.88 -9.18
CA PRO B 213 -24.51 20.22 -10.44
C PRO B 213 -23.23 21.01 -10.34
N SER B 214 -22.49 21.06 -11.44
CA SER B 214 -21.27 21.84 -11.53
C SER B 214 -21.45 23.31 -11.17
N SER B 215 -22.62 23.87 -11.42
CA SER B 215 -22.87 25.24 -11.03
C SER B 215 -22.52 25.43 -9.57
N ASP B 216 -22.46 24.34 -8.81
CA ASP B 216 -22.44 24.48 -7.38
C ASP B 216 -21.09 24.80 -6.90
N ILE B 217 -20.07 24.34 -7.65
CA ILE B 217 -18.66 24.74 -7.38
C ILE B 217 -18.03 25.24 -8.66
N PRO B 218 -18.10 26.56 -8.85
CA PRO B 218 -17.79 27.10 -10.17
C PRO B 218 -16.32 26.97 -10.47
N ALA B 219 -15.98 26.98 -11.75
CA ALA B 219 -14.66 26.58 -12.24
C ALA B 219 -13.52 27.26 -11.49
N GLN B 220 -13.77 28.52 -11.12
CA GLN B 220 -12.86 29.28 -10.28
C GLN B 220 -12.81 28.87 -8.81
N SER B 221 -13.95 28.63 -8.17
CA SER B 221 -13.86 28.12 -6.82
C SER B 221 -12.99 26.87 -6.83
N ARG B 222 -13.29 26.06 -7.83
CA ARG B 222 -12.68 24.79 -7.89
C ARG B 222 -11.22 24.98 -7.96
N ALA B 223 -10.77 25.68 -8.99
CA ALA B 223 -9.34 25.80 -9.20
C ALA B 223 -8.61 26.44 -8.00
N LEU B 224 -9.26 27.34 -7.27
CA LEU B 224 -8.64 27.83 -6.05
C LEU B 224 -8.47 26.69 -5.05
N TYR B 225 -9.50 25.90 -4.85
CA TYR B 225 -9.38 24.84 -3.90
C TYR B 225 -8.34 23.75 -4.20
N THR B 226 -8.01 23.60 -5.47
CA THR B 226 -7.01 22.64 -5.87
C THR B 226 -5.62 23.01 -5.30
N ILE B 227 -5.42 24.28 -4.93
CA ILE B 227 -4.19 24.67 -4.32
C ILE B 227 -4.36 25.30 -2.95
N ASN B 228 -5.55 25.73 -2.56
CA ASN B 228 -5.75 26.01 -1.16
C ASN B 228 -6.75 24.97 -0.67
N PRO B 229 -6.27 24.09 0.19
CA PRO B 229 -7.09 22.92 0.30
C PRO B 229 -8.05 22.88 1.48
N VAL B 230 -8.04 23.84 2.39
CA VAL B 230 -8.90 23.83 3.59
C VAL B 230 -9.50 25.24 3.71
N ARG B 231 -10.72 25.38 4.25
CA ARG B 231 -11.39 26.63 4.44
C ARG B 231 -12.45 26.49 5.47
N ILE B 232 -12.74 27.53 6.24
CA ILE B 232 -13.79 27.42 7.28
C ILE B 232 -14.64 28.71 7.36
N ILE B 233 -15.92 28.58 7.71
CA ILE B 233 -16.81 29.73 7.85
C ILE B 233 -17.57 29.65 9.16
N PRO B 234 -16.94 29.96 10.27
CA PRO B 234 -17.43 29.50 11.59
C PRO B 234 -18.79 30.05 12.01
N ASP B 235 -19.10 31.21 11.45
CA ASP B 235 -20.47 31.65 11.43
C ASP B 235 -20.82 32.15 10.04
N ILE B 236 -21.81 31.54 9.41
CA ILE B 236 -22.10 31.78 8.00
C ILE B 236 -22.69 33.13 7.70
N GLY B 237 -23.04 33.87 8.75
CA GLY B 237 -23.68 35.18 8.65
C GLY B 237 -22.81 36.27 9.27
N TYR B 238 -21.51 36.16 9.02
CA TYR B 238 -20.51 36.99 9.68
C TYR B 238 -20.70 38.43 9.27
N ARG B 239 -19.99 39.29 10.01
CA ARG B 239 -19.83 40.74 9.82
C ARG B 239 -18.52 41.12 9.04
N PRO B 240 -18.55 41.17 7.67
CA PRO B 240 -17.31 41.36 6.89
C PRO B 240 -16.52 42.64 7.20
N SER B 241 -15.32 42.47 7.73
CA SER B 241 -14.37 43.55 7.97
C SER B 241 -13.60 43.87 6.70
N PRO B 242 -13.60 45.13 6.27
CA PRO B 242 -12.69 45.30 5.14
C PRO B 242 -11.24 45.78 5.53
N LEU B 243 -10.39 45.97 4.52
CA LEU B 243 -8.95 46.20 4.68
C LEU B 243 -8.57 47.69 4.56
N VAL B 244 -7.81 48.21 5.51
CA VAL B 244 -7.39 49.60 5.42
C VAL B 244 -5.95 49.68 4.94
N PRO B 245 -5.74 49.83 3.64
CA PRO B 245 -6.65 49.88 2.51
C PRO B 245 -6.65 48.52 1.85
N ASP B 246 -7.18 48.45 0.64
CA ASP B 246 -7.23 47.21 -0.10
C ASP B 246 -6.20 47.18 -1.21
N ILE B 247 -5.06 47.74 -0.96
CA ILE B 247 -4.11 47.69 -2.01
C ILE B 247 -2.87 46.98 -1.67
N ASN B 248 -2.29 46.37 -2.69
CA ASN B 248 -0.94 45.87 -2.59
C ASN B 248 0.06 47.05 -2.47
N PRO B 249 0.74 47.14 -1.33
CA PRO B 249 1.71 48.21 -1.09
C PRO B 249 3.08 48.05 -1.82
N ARG B 250 3.33 46.91 -2.46
CA ARG B 250 4.58 46.75 -3.23
C ARG B 250 4.41 46.49 -4.73
N LEU B 251 3.22 46.07 -5.14
CA LEU B 251 2.97 45.85 -6.55
C LEU B 251 1.74 46.62 -6.97
N GLY B 252 1.05 47.18 -5.98
CA GLY B 252 0.02 48.17 -6.25
C GLY B 252 -1.27 47.81 -6.94
N GLY B 253 -1.52 46.53 -7.14
CA GLY B 253 -2.79 46.11 -7.70
C GLY B 253 -3.74 45.77 -6.56
N PRO B 254 -4.80 45.03 -6.88
CA PRO B 254 -5.69 44.42 -5.90
C PRO B 254 -4.89 43.48 -5.01
N ILE B 255 -5.32 43.34 -3.76
CA ILE B 255 -4.76 42.33 -2.85
C ILE B 255 -5.36 40.95 -3.21
N ASP B 256 -4.48 40.00 -3.49
CA ASP B 256 -4.86 38.63 -3.85
C ASP B 256 -4.93 37.86 -2.52
N LEU B 257 -6.15 37.53 -2.10
CA LEU B 257 -6.35 36.99 -0.78
C LEU B 257 -6.58 35.42 -0.70
N SER B 258 -6.26 34.74 -1.80
CA SER B 258 -6.36 33.31 -1.97
C SER B 258 -5.94 32.40 -0.78
N PHE B 259 -4.76 32.61 -0.19
CA PHE B 259 -4.22 31.74 0.84
C PHE B 259 -4.38 32.34 2.19
N SER B 260 -5.27 33.32 2.24
CA SER B 260 -5.70 33.84 3.50
C SER B 260 -6.75 32.90 4.04
N VAL B 261 -6.64 32.60 5.31
CA VAL B 261 -7.66 31.77 5.88
C VAL B 261 -8.89 32.58 6.25
N LEU B 262 -8.72 33.88 6.36
CA LEU B 262 -9.78 34.75 6.82
C LEU B 262 -10.48 35.37 5.65
N ARG B 263 -10.08 34.99 4.45
CA ARG B 263 -10.68 35.56 3.28
C ARG B 263 -12.16 35.31 3.19
N SER B 264 -12.93 36.37 3.46
CA SER B 264 -14.36 36.49 3.14
C SER B 264 -14.79 35.97 1.80
N VAL B 265 -15.91 35.26 1.88
CA VAL B 265 -16.30 34.24 0.92
C VAL B 265 -17.57 34.64 0.18
N SER B 266 -17.67 34.26 -1.10
CA SER B 266 -18.65 34.86 -2.00
C SER B 266 -20.06 34.92 -1.47
N PRO B 267 -20.66 36.10 -1.52
CA PRO B 267 -21.99 36.23 -0.90
C PRO B 267 -22.99 35.28 -1.53
N THR B 268 -22.84 35.08 -2.84
CA THR B 268 -23.61 34.15 -3.58
C THR B 268 -23.78 32.93 -2.71
N HIS B 269 -22.64 32.28 -2.50
CA HIS B 269 -22.54 31.04 -1.79
C HIS B 269 -23.07 31.17 -0.37
N LEU B 270 -23.07 32.36 0.16
CA LEU B 270 -23.43 32.51 1.56
C LEU B 270 -24.90 32.18 1.93
N GLU B 271 -25.83 32.59 1.09
CA GLU B 271 -27.19 32.48 1.52
C GLU B 271 -27.49 31.06 1.30
N TYR B 272 -26.79 30.55 0.31
CA TYR B 272 -26.79 29.15 0.03
C TYR B 272 -26.73 28.36 1.31
N MET B 273 -25.94 28.81 2.29
CA MET B 273 -25.82 28.05 3.53
C MET B 273 -26.91 28.18 4.53
N VAL B 274 -27.56 29.34 4.61
CA VAL B 274 -28.71 29.49 5.51
C VAL B 274 -29.86 28.70 4.90
N ASN B 275 -29.76 28.46 3.61
CA ASN B 275 -30.71 27.61 2.88
C ASN B 275 -30.65 26.16 3.24
N MET B 276 -29.45 25.62 3.15
CA MET B 276 -29.23 24.35 3.76
C MET B 276 -29.59 24.46 5.24
N GLY B 277 -29.43 25.64 5.85
CA GLY B 277 -29.71 25.71 7.29
C GLY B 277 -28.57 25.35 8.29
N MET B 278 -27.34 25.68 7.94
CA MET B 278 -26.23 25.34 8.79
C MET B 278 -25.45 26.57 9.04
N HIS B 279 -25.17 26.83 10.32
CA HIS B 279 -24.63 28.09 10.79
C HIS B 279 -23.12 28.12 10.88
N ALA B 280 -22.46 27.12 10.26
CA ALA B 280 -21.00 27.00 10.11
C ALA B 280 -20.64 26.01 8.97
N ALA B 281 -19.52 26.17 8.29
CA ALA B 281 -19.11 25.20 7.24
C ALA B 281 -17.62 25.13 7.02
N MET B 282 -17.11 23.93 6.86
CA MET B 282 -15.70 23.73 6.66
C MET B 282 -15.58 22.77 5.58
N SER B 283 -14.51 22.82 4.84
CA SER B 283 -14.37 21.84 3.81
C SER B 283 -12.90 21.63 3.47
N ILE B 284 -12.54 20.39 3.20
CA ILE B 284 -11.16 20.14 2.91
C ILE B 284 -11.13 19.48 1.61
N SER B 285 -10.28 19.97 0.76
CA SER B 285 -10.15 19.44 -0.55
C SER B 285 -9.57 18.07 -0.50
N ILE B 286 -9.92 17.28 -1.48
CA ILE B 286 -9.26 16.04 -1.68
C ILE B 286 -8.58 16.08 -3.01
N VAL B 287 -7.24 16.16 -3.02
CA VAL B 287 -6.54 16.39 -4.30
C VAL B 287 -5.70 15.21 -4.63
N ARG B 288 -5.81 14.75 -5.85
CA ARG B 288 -5.23 13.50 -6.26
C ARG B 288 -4.59 13.68 -7.60
N ASP B 289 -3.28 13.67 -7.58
CA ASP B 289 -2.47 13.89 -8.74
C ASP B 289 -2.84 15.22 -9.34
N ASN B 290 -2.93 16.24 -8.50
CA ASN B 290 -3.28 17.55 -9.03
C ASN B 290 -4.46 17.58 -9.93
N ARG B 291 -5.57 17.18 -9.37
CA ARG B 291 -6.82 17.36 -10.02
C ARG B 291 -7.65 17.22 -8.80
N LEU B 292 -8.64 18.07 -8.61
CA LEU B 292 -9.47 17.94 -7.43
C LEU B 292 -10.33 16.69 -7.55
N TRP B 293 -10.25 15.84 -6.53
CA TRP B 293 -11.03 14.63 -6.46
C TRP B 293 -12.36 14.81 -5.73
N GLY B 294 -12.35 15.60 -4.65
CA GLY B 294 -13.57 15.81 -3.93
C GLY B 294 -13.41 16.67 -2.70
N MET B 295 -14.42 16.69 -1.86
CA MET B 295 -14.31 17.52 -0.72
C MET B 295 -14.80 16.81 0.45
N ILE B 296 -14.30 17.18 1.60
CA ILE B 296 -15.03 16.89 2.78
C ILE B 296 -15.85 18.11 3.18
N SER B 297 -17.18 18.09 3.11
CA SER B 297 -17.95 19.25 3.44
C SER B 297 -18.49 19.11 4.82
N CYS B 298 -18.40 20.15 5.63
CA CYS B 298 -18.80 19.97 7.00
C CYS B 298 -19.73 20.99 7.52
N HIS B 299 -20.87 20.53 8.05
CA HIS B 299 -21.97 21.40 8.44
C HIS B 299 -22.35 21.24 9.94
N ASN B 300 -22.62 22.39 10.60
CA ASN B 300 -23.05 22.44 12.00
C ASN B 300 -24.23 23.40 12.16
N LEU B 301 -25.15 23.07 13.08
CA LEU B 301 -26.35 23.84 13.39
C LEU B 301 -26.08 25.18 14.04
N THR B 302 -25.41 25.15 15.19
CA THR B 302 -24.98 26.35 15.89
C THR B 302 -23.78 26.80 15.09
N PRO B 303 -23.34 28.05 15.24
CA PRO B 303 -22.08 28.40 14.58
C PRO B 303 -21.00 27.66 15.34
N ARG B 304 -19.88 27.38 14.71
CA ARG B 304 -18.86 26.66 15.46
C ARG B 304 -17.49 26.99 14.85
N PHE B 305 -16.47 27.12 15.70
CA PHE B 305 -15.13 27.30 15.16
C PHE B 305 -14.16 26.31 15.76
N VAL B 306 -13.28 25.80 14.93
CA VAL B 306 -12.31 24.98 15.54
C VAL B 306 -10.92 25.36 15.10
N SER B 307 -10.04 25.16 16.04
CA SER B 307 -8.76 25.74 15.95
C SER B 307 -8.13 25.29 14.70
N TYR B 308 -7.19 26.11 14.26
CA TYR B 308 -6.31 25.77 13.16
C TYR B 308 -5.86 24.32 13.24
N GLU B 309 -5.40 23.95 14.43
CA GLU B 309 -4.86 22.61 14.74
C GLU B 309 -5.81 21.54 14.26
N VAL B 310 -7.10 21.66 14.59
CA VAL B 310 -8.02 20.62 14.20
C VAL B 310 -8.19 20.64 12.71
N ARG B 311 -8.21 21.80 12.09
CA ARG B 311 -8.34 21.77 10.64
C ARG B 311 -7.08 21.12 10.07
N GLN B 312 -5.99 21.24 10.79
CA GLN B 312 -4.78 20.64 10.24
C GLN B 312 -4.92 19.13 10.30
N ALA B 313 -5.44 18.62 11.42
CA ALA B 313 -5.64 17.21 11.59
C ALA B 313 -6.62 16.71 10.56
N CYS B 314 -7.66 17.50 10.31
CA CYS B 314 -8.60 17.20 9.25
C CYS B 314 -7.96 17.10 7.91
N GLU B 315 -7.09 18.03 7.61
CA GLU B 315 -6.42 17.96 6.34
C GLU B 315 -5.50 16.75 6.31
N LEU B 316 -4.86 16.40 7.40
CA LEU B 316 -4.07 15.21 7.39
C LEU B 316 -4.95 13.94 7.19
N ILE B 317 -6.13 13.84 7.77
CA ILE B 317 -7.02 12.80 7.33
C ILE B 317 -7.34 12.84 5.87
N ALA B 318 -7.62 14.02 5.41
CA ALA B 318 -8.08 14.12 4.08
C ALA B 318 -7.02 13.59 3.20
N GLN B 319 -5.81 13.81 3.62
CA GLN B 319 -4.67 13.40 2.88
C GLN B 319 -4.54 11.91 2.82
N VAL B 320 -4.60 11.27 3.98
CA VAL B 320 -4.43 9.89 4.07
C VAL B 320 -5.49 9.21 3.22
N LEU B 321 -6.69 9.72 3.38
CA LEU B 321 -7.74 9.23 2.58
C LEU B 321 -7.34 9.34 1.14
N THR B 322 -6.78 10.43 0.70
CA THR B 322 -6.37 10.45 -0.71
C THR B 322 -5.39 9.35 -1.12
N TRP B 323 -4.42 9.08 -0.27
CA TRP B 323 -3.47 8.08 -0.51
C TRP B 323 -4.17 6.71 -0.56
N GLN B 324 -5.03 6.45 0.41
CA GLN B 324 -5.72 5.22 0.40
C GLN B 324 -6.43 4.91 -0.83
N ILE B 325 -6.88 5.98 -1.48
CA ILE B 325 -7.73 5.82 -2.65
C ILE B 325 -7.02 4.87 -3.62
N GLY B 326 -5.75 5.14 -3.93
CA GLY B 326 -4.93 4.24 -4.68
C GLY B 326 -4.55 2.92 -4.09
N VAL B 327 -4.30 2.86 -2.81
CA VAL B 327 -3.93 1.59 -2.34
C VAL B 327 -5.19 0.71 -2.45
N LEU B 328 -6.34 1.26 -2.17
CA LEU B 328 -7.47 0.41 -2.39
C LEU B 328 -7.55 -0.01 -3.82
N GLU B 329 -7.19 0.86 -4.74
CA GLU B 329 -7.21 0.50 -6.15
C GLU B 329 -6.34 -0.67 -6.41
N GLU B 330 -5.03 -0.61 -6.07
CA GLU B 330 -4.13 -1.74 -6.24
C GLU B 330 -4.67 -2.99 -5.55
N ALA B 331 -5.12 -2.86 -4.31
CA ALA B 331 -5.65 -4.00 -3.64
C ALA B 331 -6.80 -4.70 -4.38
N GLU B 332 -7.65 -3.93 -5.04
CA GLU B 332 -8.86 -4.56 -5.57
C GLU B 332 -8.39 -5.44 -6.71
N ILE B 333 -7.39 -4.99 -7.45
CA ILE B 333 -6.89 -5.82 -8.46
C ILE B 333 -6.30 -7.12 -7.93
N VAL B 334 -5.57 -7.06 -6.85
CA VAL B 334 -4.95 -8.27 -6.38
C VAL B 334 -5.95 -9.34 -6.00
N ARG B 335 -7.04 -8.90 -5.38
CA ARG B 335 -8.06 -9.75 -4.82
C ARG B 335 -8.60 -10.68 -5.87
N HIS B 336 -8.35 -10.29 -7.10
CA HIS B 336 -8.96 -10.88 -8.23
C HIS B 336 -7.94 -11.55 -9.18
N SER B 337 -6.69 -11.63 -8.75
CA SER B 337 -5.65 -12.29 -9.53
C SER B 337 -5.88 -13.76 -9.67
N VAL B 338 -6.77 -14.26 -8.82
CA VAL B 338 -6.91 -15.67 -8.67
C VAL B 338 -7.66 -16.35 -9.79
N ARG B 339 -8.92 -15.95 -10.03
CA ARG B 339 -9.66 -16.43 -11.20
C ARG B 339 -8.77 -16.27 -12.40
N MET B 340 -8.14 -15.12 -12.36
CA MET B 340 -7.38 -14.63 -13.42
C MET B 340 -6.29 -15.63 -13.72
N ARG B 341 -5.45 -15.94 -12.75
CA ARG B 341 -4.46 -17.01 -12.96
C ARG B 341 -5.13 -18.29 -13.53
N ALA B 342 -6.16 -18.74 -12.83
CA ALA B 342 -6.90 -19.92 -13.22
C ALA B 342 -7.42 -19.82 -14.65
N ILE B 343 -8.11 -18.73 -14.92
CA ILE B 343 -8.69 -18.50 -16.22
C ILE B 343 -7.60 -18.46 -17.34
N GLN B 344 -6.47 -17.82 -17.04
CA GLN B 344 -5.37 -17.79 -17.99
C GLN B 344 -5.04 -19.21 -18.38
N ASN B 345 -4.88 -20.01 -17.34
CA ASN B 345 -4.48 -21.39 -17.49
C ASN B 345 -5.43 -22.12 -18.40
N ARG B 346 -6.71 -22.05 -18.06
CA ARG B 346 -7.72 -22.70 -18.88
C ARG B 346 -7.69 -22.18 -20.30
N LEU B 347 -7.85 -20.86 -20.36
CA LEU B 347 -8.05 -20.11 -21.59
C LEU B 347 -6.92 -20.54 -22.42
N LEU B 348 -5.75 -20.56 -21.80
CA LEU B 348 -4.53 -20.93 -22.50
C LEU B 348 -4.74 -22.25 -23.19
N HIS B 349 -4.99 -23.27 -22.41
CA HIS B 349 -4.99 -24.58 -22.96
C HIS B 349 -6.19 -24.82 -23.82
N GLU B 350 -7.29 -24.21 -23.45
CA GLU B 350 -8.51 -24.52 -24.19
C GLU B 350 -8.49 -23.89 -25.58
N LEU B 351 -7.75 -22.80 -25.74
CA LEU B 351 -7.51 -22.23 -27.08
C LEU B 351 -6.39 -22.99 -27.72
N GLY B 352 -5.56 -23.52 -26.82
CA GLY B 352 -4.28 -24.10 -27.14
C GLY B 352 -4.29 -25.10 -28.27
N ASP B 353 -5.25 -26.00 -28.21
CA ASP B 353 -5.11 -27.22 -28.98
C ASP B 353 -6.11 -27.37 -30.14
N GLU B 354 -7.19 -26.61 -30.02
CA GLU B 354 -8.23 -26.59 -31.02
C GLU B 354 -7.75 -26.00 -32.36
N GLN B 355 -8.31 -26.51 -33.46
CA GLN B 355 -7.91 -26.14 -34.83
C GLN B 355 -8.51 -24.78 -35.27
N GLY B 356 -9.19 -24.09 -34.37
CA GLY B 356 -9.59 -22.72 -34.61
C GLY B 356 -9.34 -21.88 -33.37
N LEU B 357 -9.10 -20.59 -33.56
CA LEU B 357 -8.95 -19.73 -32.42
C LEU B 357 -10.30 -19.35 -31.95
N THR B 358 -11.13 -19.11 -32.96
CA THR B 358 -12.42 -18.48 -32.78
C THR B 358 -13.21 -19.42 -31.90
N ALA B 359 -13.15 -20.69 -32.29
CA ALA B 359 -13.63 -21.79 -31.47
C ALA B 359 -13.13 -21.72 -30.03
N GLY B 360 -11.82 -21.71 -29.89
CA GLY B 360 -11.18 -21.79 -28.60
C GLY B 360 -11.75 -20.76 -27.64
N LEU B 361 -12.21 -19.68 -28.23
CA LEU B 361 -12.78 -18.64 -27.43
C LEU B 361 -14.08 -19.06 -26.84
N SER B 362 -14.98 -19.51 -27.69
CA SER B 362 -16.33 -19.85 -27.29
C SER B 362 -16.34 -20.63 -25.99
N ARG B 363 -15.33 -21.46 -25.80
CA ARG B 363 -15.37 -22.36 -24.70
C ARG B 363 -15.22 -21.54 -23.43
N VAL B 364 -14.17 -20.73 -23.30
CA VAL B 364 -14.04 -19.93 -22.08
C VAL B 364 -14.96 -18.68 -21.97
N SER B 365 -15.73 -18.40 -23.03
CA SER B 365 -16.47 -17.16 -23.19
C SER B 365 -17.19 -16.82 -21.90
N GLU B 366 -17.92 -17.79 -21.36
CA GLU B 366 -18.81 -17.45 -20.28
C GLU B 366 -18.06 -17.05 -19.05
N GLU B 367 -17.06 -17.80 -18.64
CA GLU B 367 -16.38 -17.41 -17.38
C GLU B 367 -15.71 -16.06 -17.51
N MET B 368 -15.24 -15.76 -18.72
CA MET B 368 -14.61 -14.49 -19.04
C MET B 368 -15.60 -13.37 -18.89
N LEU B 369 -16.72 -13.55 -19.62
CA LEU B 369 -17.86 -12.63 -19.62
C LEU B 369 -18.23 -12.38 -18.19
N ALA B 370 -18.20 -13.44 -17.40
CA ALA B 370 -18.50 -13.37 -15.98
C ALA B 370 -17.46 -12.64 -15.19
N LEU B 371 -16.21 -12.71 -15.65
CA LEU B 371 -15.16 -12.07 -14.91
C LEU B 371 -15.38 -10.55 -15.07
N MET B 372 -15.43 -10.09 -16.32
CA MET B 372 -15.87 -8.78 -16.67
C MET B 372 -17.31 -8.75 -16.25
N GLY B 373 -17.87 -7.58 -16.12
CA GLY B 373 -19.26 -7.65 -15.69
C GLY B 373 -20.03 -7.65 -16.96
N ALA B 374 -19.99 -8.70 -17.75
CA ALA B 374 -20.41 -8.43 -19.13
C ALA B 374 -21.24 -9.45 -19.83
N SER B 375 -22.15 -8.98 -20.68
CA SER B 375 -23.09 -9.81 -21.37
C SER B 375 -22.65 -10.23 -22.74
N GLY B 376 -21.50 -9.79 -23.18
CA GLY B 376 -21.12 -10.14 -24.52
C GLY B 376 -19.83 -9.44 -24.93
N PHE B 377 -19.18 -9.94 -25.97
CA PHE B 377 -17.92 -9.41 -26.33
C PHE B 377 -17.51 -9.81 -27.76
N ALA B 378 -16.86 -8.90 -28.47
CA ALA B 378 -16.66 -9.05 -29.88
C ALA B 378 -15.18 -8.98 -30.09
N LEU B 379 -14.76 -9.31 -31.28
CA LEU B 379 -13.38 -9.18 -31.65
C LEU B 379 -13.56 -8.61 -33.06
N CYS B 380 -13.24 -7.35 -33.34
CA CYS B 380 -13.51 -6.95 -34.71
C CYS B 380 -12.26 -6.76 -35.54
N SER B 381 -12.17 -7.54 -36.63
CA SER B 381 -11.01 -7.44 -37.48
C SER B 381 -11.35 -6.39 -38.52
N PHE B 382 -10.33 -6.09 -39.32
CA PHE B 382 -10.49 -5.42 -40.61
C PHE B 382 -11.33 -6.37 -41.48
N ASP B 383 -11.14 -7.65 -41.21
CA ASP B 383 -11.66 -8.69 -42.06
C ASP B 383 -12.67 -9.57 -41.37
N GLY B 384 -13.48 -8.99 -40.51
CA GLY B 384 -14.51 -9.80 -39.92
C GLY B 384 -14.70 -9.50 -38.48
N VAL B 385 -15.47 -10.37 -37.87
CA VAL B 385 -15.85 -10.17 -36.50
C VAL B 385 -16.11 -11.55 -35.91
N ALA B 386 -15.79 -11.71 -34.62
CA ALA B 386 -16.21 -12.86 -33.82
C ALA B 386 -16.98 -12.39 -32.60
N ALA B 387 -18.26 -12.72 -32.56
CA ALA B 387 -19.13 -12.20 -31.54
C ALA B 387 -19.45 -13.29 -30.51
N PHE B 388 -19.62 -12.92 -29.24
CA PHE B 388 -19.92 -13.91 -28.21
C PHE B 388 -20.93 -13.26 -27.24
N GLY B 389 -21.98 -13.98 -26.80
CA GLY B 389 -22.95 -13.42 -25.85
C GLY B 389 -23.96 -12.41 -26.38
N ARG B 390 -24.45 -11.54 -25.52
CA ARG B 390 -25.34 -10.46 -25.93
C ARG B 390 -24.54 -9.35 -26.58
N THR B 391 -24.57 -9.26 -27.90
CA THR B 391 -23.83 -8.21 -28.61
C THR B 391 -24.65 -7.66 -29.75
N PRO B 392 -24.20 -6.58 -30.40
CA PRO B 392 -24.87 -6.26 -31.66
C PRO B 392 -24.36 -7.12 -32.78
N SER B 393 -25.11 -7.22 -33.86
CA SER B 393 -24.68 -8.03 -34.99
C SER B 393 -23.37 -7.57 -35.60
N ASP B 394 -22.89 -8.43 -36.47
CA ASP B 394 -21.59 -8.34 -37.10
C ASP B 394 -21.52 -7.05 -37.84
N ASP B 395 -22.60 -6.65 -38.48
CA ASP B 395 -22.54 -5.45 -39.29
C ASP B 395 -22.18 -4.22 -38.47
N GLU B 396 -22.85 -4.09 -37.34
CA GLU B 396 -22.74 -2.85 -36.61
C GLU B 396 -21.57 -2.64 -35.61
N ILE B 397 -20.99 -3.72 -35.12
CA ILE B 397 -19.76 -3.54 -34.35
C ILE B 397 -18.62 -2.99 -35.23
N GLN B 398 -18.63 -3.39 -36.50
CA GLN B 398 -17.63 -2.92 -37.45
C GLN B 398 -17.90 -1.47 -37.69
N ALA B 399 -19.12 -1.06 -37.38
CA ALA B 399 -19.46 0.34 -37.46
C ALA B 399 -18.89 1.03 -36.25
N LEU B 400 -19.10 0.34 -35.14
CA LEU B 400 -18.60 0.76 -33.85
C LEU B 400 -17.08 0.89 -33.86
N ALA B 401 -16.42 -0.06 -34.55
CA ALA B 401 -14.95 -0.09 -34.58
C ALA B 401 -14.40 1.12 -35.31
N SER B 402 -15.00 1.30 -36.46
CA SER B 402 -14.71 2.36 -37.39
C SER B 402 -14.68 3.67 -36.61
N TRP B 403 -15.76 3.91 -35.90
CA TRP B 403 -15.90 5.06 -34.99
C TRP B 403 -14.76 5.16 -33.95
N LEU B 404 -14.34 4.03 -33.38
CA LEU B 404 -13.35 4.05 -32.32
C LEU B 404 -12.02 4.63 -32.73
N SER B 405 -11.67 4.35 -33.99
CA SER B 405 -10.44 4.87 -34.62
C SER B 405 -10.17 6.36 -34.41
N HIS B 406 -11.16 7.21 -34.66
CA HIS B 406 -10.93 8.65 -34.52
C HIS B 406 -10.53 9.13 -33.11
N ARG B 407 -11.05 8.52 -32.09
CA ARG B 407 -10.87 9.10 -30.77
C ARG B 407 -9.41 9.46 -30.48
N GLU B 408 -9.20 10.43 -29.59
CA GLU B 408 -7.86 11.01 -29.46
C GLU B 408 -7.01 10.14 -28.56
N SER B 409 -7.19 8.83 -28.72
CA SER B 409 -6.28 7.81 -28.22
C SER B 409 -6.51 6.50 -28.96
N ARG B 410 -5.51 5.63 -28.89
CA ARG B 410 -5.55 4.30 -29.47
C ARG B 410 -5.25 3.33 -28.34
N GLY B 411 -5.64 3.78 -27.15
CA GLY B 411 -5.54 3.05 -25.91
C GLY B 411 -6.95 2.56 -25.66
N ILE B 412 -7.21 2.13 -24.45
CA ILE B 412 -8.52 1.60 -24.10
C ILE B 412 -9.64 2.61 -24.23
N PHE B 413 -10.77 2.19 -24.76
CA PHE B 413 -11.90 3.05 -24.59
C PHE B 413 -13.02 2.42 -23.76
N GLN B 414 -13.64 3.28 -22.99
CA GLN B 414 -14.51 2.82 -21.98
C GLN B 414 -15.60 3.82 -21.69
N THR B 415 -16.82 3.32 -21.55
CA THR B 415 -17.86 4.09 -20.95
C THR B 415 -19.03 3.31 -20.43
N GLN B 416 -19.82 4.04 -19.65
CA GLN B 416 -21.03 3.47 -19.15
C GLN B 416 -22.08 3.91 -20.07
N GLN B 417 -21.87 5.01 -20.78
CA GLN B 417 -22.92 5.54 -21.67
C GLN B 417 -22.37 5.85 -23.03
N LEU B 418 -22.75 4.98 -23.95
CA LEU B 418 -22.11 5.01 -25.22
C LEU B 418 -22.69 6.18 -25.89
N SER B 419 -24.01 6.23 -25.87
CA SER B 419 -24.69 7.17 -26.74
C SER B 419 -24.49 8.61 -26.32
N ALA B 420 -23.94 8.81 -25.14
CA ALA B 420 -23.63 10.14 -24.66
C ALA B 420 -22.75 10.82 -25.67
N SER B 421 -21.74 10.10 -26.14
CA SER B 421 -20.83 10.62 -27.15
C SER B 421 -20.89 9.87 -28.48
N PHE B 422 -21.85 8.96 -28.61
CA PHE B 422 -22.11 8.29 -29.90
C PHE B 422 -23.64 8.10 -30.01
N PRO B 423 -24.36 9.10 -30.56
CA PRO B 423 -25.81 9.01 -30.56
C PRO B 423 -26.37 7.96 -31.51
N GLU B 424 -25.53 7.37 -32.36
CA GLU B 424 -25.97 6.32 -33.26
C GLU B 424 -26.24 5.06 -32.50
N ALA B 425 -25.75 5.05 -31.26
CA ALA B 425 -25.80 3.86 -30.41
C ALA B 425 -27.02 3.72 -29.48
N GLU B 426 -27.86 4.74 -29.39
CA GLU B 426 -29.00 4.72 -28.49
C GLU B 426 -29.82 3.45 -28.71
N VAL B 427 -29.63 2.82 -29.88
CA VAL B 427 -30.37 1.60 -30.22
C VAL B 427 -29.91 0.34 -29.46
N TYR B 428 -28.60 0.20 -29.24
CA TYR B 428 -28.10 -0.90 -28.42
C TYR B 428 -28.29 -0.67 -26.94
N SER B 429 -28.98 0.41 -26.60
CA SER B 429 -29.27 0.80 -25.22
C SER B 429 -29.48 -0.49 -24.38
N ASP B 430 -30.34 -1.35 -24.91
CA ASP B 430 -30.68 -2.59 -24.28
C ASP B 430 -29.48 -3.51 -23.99
N ILE B 431 -28.46 -3.57 -24.84
CA ILE B 431 -27.47 -4.63 -24.68
C ILE B 431 -26.01 -4.15 -24.65
N ALA B 432 -25.81 -2.88 -25.00
CA ALA B 432 -24.52 -2.20 -25.01
C ALA B 432 -24.79 -0.76 -24.80
N SER B 433 -24.85 -0.41 -23.52
CA SER B 433 -25.00 0.97 -23.14
C SER B 433 -23.60 1.22 -22.73
N GLY B 434 -22.91 0.14 -22.36
CA GLY B 434 -21.55 0.15 -21.84
C GLY B 434 -20.56 -0.66 -22.66
N LEU B 435 -19.42 -0.07 -22.98
CA LEU B 435 -18.50 -0.71 -23.88
C LEU B 435 -17.13 -0.55 -23.32
N LEU B 436 -16.37 -1.62 -23.34
CA LEU B 436 -14.98 -1.62 -22.98
C LEU B 436 -14.30 -2.06 -24.26
N ALA B 437 -13.37 -1.25 -24.79
CA ALA B 437 -12.65 -1.57 -26.06
C ALA B 437 -11.14 -1.64 -25.89
N VAL B 438 -10.54 -2.77 -26.25
CA VAL B 438 -9.10 -2.96 -26.04
C VAL B 438 -8.45 -3.31 -27.34
N PRO B 439 -7.53 -2.48 -27.78
CA PRO B 439 -6.85 -2.81 -29.04
C PRO B 439 -5.92 -3.93 -28.82
N LEU B 440 -5.72 -4.80 -29.80
CA LEU B 440 -4.68 -5.80 -29.68
C LEU B 440 -3.34 -5.13 -29.97
N GLY B 441 -3.29 -4.51 -31.13
CA GLY B 441 -2.05 -3.97 -31.62
C GLY B 441 -1.55 -2.80 -30.82
N ARG B 442 -0.25 -2.53 -30.94
CA ARG B 442 0.34 -1.42 -30.22
C ARG B 442 -0.36 -0.17 -30.67
N ALA B 443 -0.62 -0.06 -31.96
CA ALA B 443 -1.52 0.98 -32.35
C ALA B 443 -2.43 0.40 -33.41
N SER B 444 -2.49 -0.92 -33.46
CA SER B 444 -3.34 -1.52 -34.48
C SER B 444 -4.78 -1.55 -34.02
N THR B 445 -5.65 -1.55 -35.00
CA THR B 445 -7.02 -1.77 -34.71
C THR B 445 -7.38 -3.09 -35.28
N THR B 446 -7.33 -4.05 -34.39
CA THR B 446 -8.12 -5.26 -34.42
C THR B 446 -8.40 -5.24 -32.95
N LEU B 447 -9.66 -5.28 -32.52
CA LEU B 447 -10.03 -5.04 -31.12
C LEU B 447 -10.80 -6.13 -30.37
N MET B 448 -10.73 -6.02 -29.06
CA MET B 448 -11.61 -6.80 -28.22
C MET B 448 -12.56 -5.77 -27.61
N LEU B 449 -13.87 -5.95 -27.80
CA LEU B 449 -14.95 -5.09 -27.29
C LEU B 449 -15.74 -5.92 -26.32
N TRP B 450 -16.08 -5.38 -25.15
CA TRP B 450 -16.96 -6.04 -24.17
C TRP B 450 -18.16 -5.19 -24.00
N PHE B 451 -19.34 -5.79 -24.12
CA PHE B 451 -20.55 -5.01 -23.90
C PHE B 451 -21.23 -5.29 -22.57
N ARG B 452 -21.92 -4.28 -22.06
CA ARG B 452 -22.74 -4.37 -20.87
C ARG B 452 -23.93 -3.63 -21.30
N PRO B 453 -25.13 -4.05 -20.84
CA PRO B 453 -26.50 -3.59 -21.13
C PRO B 453 -26.95 -2.49 -20.23
N GLU B 454 -28.05 -1.85 -20.54
CA GLU B 454 -28.54 -0.72 -19.76
C GLU B 454 -28.84 -1.18 -18.36
N VAL B 455 -28.88 -0.31 -17.37
CA VAL B 455 -29.40 -0.69 -16.08
C VAL B 455 -30.03 0.61 -15.68
N ALA B 456 -31.32 0.63 -15.54
CA ALA B 456 -31.91 1.90 -15.26
C ALA B 456 -31.58 2.21 -13.84
N GLN B 457 -31.39 3.47 -13.48
CA GLN B 457 -31.25 3.71 -12.08
C GLN B 457 -31.88 5.04 -11.79
N THR B 458 -32.06 5.35 -10.52
CA THR B 458 -32.70 6.61 -10.11
C THR B 458 -31.70 7.39 -9.26
N VAL B 459 -31.47 8.67 -9.56
CA VAL B 459 -30.47 9.45 -8.82
C VAL B 459 -31.30 10.52 -8.21
N THR B 460 -30.92 10.95 -7.02
CA THR B 460 -31.58 12.06 -6.38
C THR B 460 -30.61 13.27 -6.29
N TRP B 461 -31.15 14.47 -6.48
CA TRP B 461 -30.34 15.68 -6.49
C TRP B 461 -30.85 16.65 -5.42
N GLY B 462 -30.24 17.83 -5.34
CA GLY B 462 -30.70 18.97 -4.54
C GLY B 462 -32.12 19.45 -4.78
N GLY B 463 -32.39 19.87 -6.01
CA GLY B 463 -33.73 20.20 -6.44
C GLY B 463 -33.78 19.92 -7.91
N ASP B 464 -34.73 20.51 -8.67
CA ASP B 464 -34.70 20.40 -10.13
C ASP B 464 -33.31 20.91 -10.49
N PRO B 465 -32.41 20.02 -10.94
CA PRO B 465 -31.01 20.32 -11.23
C PRO B 465 -30.94 20.91 -12.62
N HIS B 466 -32.10 20.96 -13.27
CA HIS B 466 -32.26 21.75 -14.46
C HIS B 466 -32.69 23.18 -14.03
N LYS B 467 -32.78 23.43 -12.72
CA LYS B 467 -33.04 24.77 -12.17
C LYS B 467 -32.18 25.15 -10.94
N PRO B 468 -30.84 25.34 -11.15
CA PRO B 468 -29.80 25.57 -10.09
C PRO B 468 -29.53 27.02 -9.59
N VAL B 469 -30.35 28.00 -9.92
CA VAL B 469 -30.08 29.40 -9.58
C VAL B 469 -31.32 30.30 -9.59
N ARG B 477 -25.06 32.44 -12.52
CA ARG B 477 -25.99 33.55 -12.74
C ARG B 477 -26.44 34.27 -11.46
N LEU B 478 -27.57 33.85 -10.88
CA LEU B 478 -28.15 34.59 -9.76
C LEU B 478 -27.81 33.93 -8.43
N GLN B 479 -28.66 34.17 -7.45
CA GLN B 479 -28.55 33.54 -6.15
C GLN B 479 -28.77 31.99 -6.10
N THR B 480 -28.62 31.49 -4.90
CA THR B 480 -28.90 30.13 -4.49
C THR B 480 -30.35 29.70 -4.86
N ARG B 481 -30.56 28.44 -5.25
CA ARG B 481 -31.92 27.95 -5.45
C ARG B 481 -32.63 27.65 -4.11
N ALA B 482 -33.97 27.75 -4.06
CA ALA B 482 -34.70 27.68 -2.78
C ALA B 482 -34.60 26.40 -1.92
N SER B 483 -34.33 25.27 -2.54
CA SER B 483 -34.71 24.05 -1.91
C SER B 483 -33.62 23.09 -2.02
N PHE B 484 -33.45 22.24 -1.01
CA PHE B 484 -32.53 21.10 -1.16
C PHE B 484 -33.13 19.73 -0.82
N GLU B 485 -34.46 19.62 -0.96
CA GLU B 485 -35.14 18.39 -0.64
C GLU B 485 -34.88 17.47 -1.82
N ALA B 486 -34.86 16.18 -1.53
CA ALA B 486 -34.71 15.16 -2.55
C ALA B 486 -35.58 15.42 -3.79
N TRP B 487 -34.91 15.40 -4.94
CA TRP B 487 -35.52 15.43 -6.25
C TRP B 487 -35.03 14.26 -7.10
N ARG B 488 -35.89 13.48 -7.74
CA ARG B 488 -35.42 12.26 -8.39
C ARG B 488 -35.65 12.22 -9.90
N GLU B 489 -34.85 11.42 -10.60
CA GLU B 489 -34.77 11.36 -12.08
C GLU B 489 -34.45 9.98 -12.64
N GLU B 490 -35.16 9.52 -13.67
CA GLU B 490 -34.85 8.18 -14.19
C GLU B 490 -33.88 8.18 -15.39
N VAL B 491 -32.66 7.68 -15.17
CA VAL B 491 -31.62 7.62 -16.22
C VAL B 491 -31.69 6.33 -17.03
N ARG B 492 -31.56 6.41 -18.34
CA ARG B 492 -31.43 5.17 -19.08
C ARG B 492 -30.17 5.13 -19.92
N ASP B 493 -30.11 4.07 -20.71
CA ASP B 493 -29.06 3.89 -21.68
C ASP B 493 -27.71 3.96 -20.99
N ARG B 494 -27.65 3.49 -19.75
CA ARG B 494 -26.36 3.54 -19.08
C ARG B 494 -26.07 2.19 -18.38
N SER B 495 -24.84 1.74 -18.44
CA SER B 495 -24.57 0.41 -17.95
C SER B 495 -24.10 0.61 -16.55
N ARG B 496 -23.66 -0.44 -15.84
CA ARG B 496 -23.02 -0.24 -14.54
C ARG B 496 -21.60 0.26 -14.82
N PRO B 497 -21.00 1.04 -13.91
CA PRO B 497 -19.60 1.46 -14.06
C PRO B 497 -18.57 0.35 -14.35
N TRP B 498 -17.49 0.71 -15.03
CA TRP B 498 -16.43 -0.26 -15.25
C TRP B 498 -15.53 -0.19 -14.03
N ARG B 499 -15.28 -1.31 -13.36
CA ARG B 499 -14.32 -1.18 -12.29
C ARG B 499 -12.88 -1.25 -12.85
N SER B 500 -11.98 -0.45 -12.25
CA SER B 500 -10.58 -0.40 -12.70
C SER B 500 -9.96 -1.78 -12.82
N HIS B 501 -10.30 -2.68 -11.98
CA HIS B 501 -9.66 -3.93 -12.08
C HIS B 501 -10.24 -4.80 -13.20
N GLU B 502 -11.48 -4.54 -13.61
CA GLU B 502 -12.01 -5.44 -14.65
C GLU B 502 -11.32 -5.09 -15.96
N ILE B 503 -11.11 -3.79 -16.14
CA ILE B 503 -10.23 -3.29 -17.14
C ILE B 503 -8.87 -4.04 -17.18
N VAL B 504 -8.21 -4.19 -16.06
CA VAL B 504 -6.97 -4.90 -16.08
C VAL B 504 -7.18 -6.34 -16.59
N ALA B 505 -8.23 -6.96 -16.16
CA ALA B 505 -8.41 -8.28 -16.72
C ALA B 505 -8.70 -8.30 -18.29
N ALA B 506 -9.39 -7.28 -18.81
CA ALA B 506 -9.57 -7.17 -20.22
C ALA B 506 -8.20 -7.24 -20.90
N GLU B 507 -7.30 -6.45 -20.33
CA GLU B 507 -5.97 -6.35 -20.78
C GLU B 507 -5.29 -7.66 -20.66
N GLU B 508 -5.41 -8.33 -19.50
CA GLU B 508 -4.67 -9.56 -19.37
C GLU B 508 -5.23 -10.57 -20.30
N ILE B 509 -6.50 -10.41 -20.58
CA ILE B 509 -7.08 -11.25 -21.59
C ILE B 509 -6.59 -10.98 -23.04
N ARG B 510 -6.60 -9.70 -23.45
CA ARG B 510 -6.05 -9.34 -24.78
C ARG B 510 -4.66 -9.91 -24.81
N ASP B 511 -3.93 -9.77 -23.69
CA ASP B 511 -2.57 -10.28 -23.64
C ASP B 511 -2.55 -11.75 -24.02
N LEU B 512 -3.60 -12.49 -23.63
CA LEU B 512 -3.61 -13.88 -24.01
C LEU B 512 -3.96 -14.09 -25.41
N VAL B 513 -5.00 -13.44 -25.92
CA VAL B 513 -5.34 -13.73 -27.29
C VAL B 513 -4.25 -13.20 -28.17
N VAL B 514 -3.62 -12.13 -27.71
CA VAL B 514 -2.53 -11.63 -28.52
C VAL B 514 -1.53 -12.76 -28.70
N ASP B 515 -1.12 -13.39 -27.57
CA ASP B 515 -0.03 -14.38 -27.69
C ASP B 515 -0.39 -15.50 -28.67
N VAL B 516 -1.52 -16.15 -28.42
CA VAL B 516 -1.94 -17.25 -29.24
C VAL B 516 -2.05 -16.73 -30.63
N ILE B 517 -2.67 -15.57 -30.85
CA ILE B 517 -2.80 -15.09 -32.21
C ILE B 517 -1.44 -15.01 -32.88
N LEU B 518 -0.46 -14.60 -32.10
CA LEU B 518 0.87 -14.56 -32.64
C LEU B 518 1.43 -15.92 -32.95
N GLY B 519 1.43 -16.76 -31.93
CA GLY B 519 2.07 -18.06 -31.97
C GLY B 519 1.73 -18.87 -33.20
N ARG B 520 0.59 -18.57 -33.82
CA ARG B 520 0.15 -19.36 -34.95
C ARG B 520 0.09 -18.51 -36.20
N ALA B 521 1.04 -18.64 -37.10
CA ALA B 521 0.84 -18.01 -38.38
C ALA B 521 0.57 -19.07 -39.43
#